data_9AXP
#
_entry.id   9AXP
#
_cell.length_a   46.162
_cell.length_b   154.893
_cell.length_c   159.760
_cell.angle_alpha   90.000
_cell.angle_beta   90.630
_cell.angle_gamma   90.000
#
_symmetry.space_group_name_H-M   'I 1 2 1'
#
loop_
_entity.id
_entity.type
_entity.pdbx_description
1 polymer 'HY11-7E1_Hu3 Fab Heavy Chain'
2 polymer 'HY11-7E1_Hu3 Fab Light Chain'
3 non-polymer 'ACETATE ION'
4 non-polymer 'methyl 1-{3-[(2-aminoethyl)amino]-3-oxopropyl}-4-(N-phenylpropanamido)piperidine-4-carboxylate'
5 water water
#
loop_
_entity_poly.entity_id
_entity_poly.type
_entity_poly.pdbx_seq_one_letter_code
_entity_poly.pdbx_strand_id
1 'polypeptide(L)'
;(PCA)VQLVQSGAEVKKPGASVKVSCKASGYTFTNYDINWVRQAPGQGLEWIGWIFPGEGSTKYNEKFKGRVTMTRDTSI
STAYMELSRLRSDDTAVYYCATELVKDYYAMDYWGQGTLVTVSSASTKGPSVFPLAPSSKSTSGGTAALGCLVKDYFPEP
VTVSWNSGALTSGVHTFPAVLQSSGLYSLSSVVTVPSSSLGTQTYICNVNHKPSNTKVDKRVEPKSCDKT
;
A,H
2 'polypeptide(L)'
;DIQMTQSPSSLSASVGDRVTITCKASQNVGTNVAWFQQKPGKAPKALIYSASYRYSGVPSRFSGSGSGTDFTLTISSLQP
EDFATYYCQQYNSYPLTFGQGTKLEIKRTVAAPSVFIFPPSDEQLKSGTASVVCLLNNFYPREAKVQWKVDNALQSGNSQ
ESVTEQDSKDSTYSLSSTLTLSKADYEKHKVYACEVTHQGLSSPVTKSFNRGEC
;
B,L
#
# COMPACT_ATOMS: atom_id res chain seq x y z
N VAL A 2 -0.46 -18.25 16.11
CA VAL A 2 -1.84 -18.71 15.98
C VAL A 2 -2.34 -18.52 14.56
N GLN A 3 -2.93 -19.58 14.01
CA GLN A 3 -3.46 -19.58 12.66
C GLN A 3 -4.75 -20.40 12.61
N LEU A 4 -5.72 -19.89 11.88
CA LEU A 4 -6.99 -20.56 11.63
C LEU A 4 -7.17 -20.68 10.12
N VAL A 5 -7.30 -21.90 9.62
CA VAL A 5 -7.39 -22.18 8.20
C VAL A 5 -8.75 -22.80 7.91
N GLN A 6 -9.46 -22.23 6.93
CA GLN A 6 -10.81 -22.63 6.58
C GLN A 6 -10.80 -23.48 5.32
N SER A 7 -11.89 -24.23 5.13
CA SER A 7 -12.05 -25.03 3.93
C SER A 7 -12.24 -24.12 2.72
N GLY A 8 -12.13 -24.71 1.54
CA GLY A 8 -12.23 -23.97 0.30
C GLY A 8 -13.65 -23.62 -0.07
N ALA A 9 -13.76 -22.71 -1.04
CA ALA A 9 -15.05 -22.21 -1.48
C ALA A 9 -15.89 -23.34 -2.08
N GLU A 10 -17.21 -23.17 -2.02
CA GLU A 10 -18.13 -24.19 -2.49
C GLU A 10 -19.30 -23.54 -3.22
N VAL A 11 -19.94 -24.34 -4.07
CA VAL A 11 -21.19 -23.98 -4.72
C VAL A 11 -22.20 -25.07 -4.40
N LYS A 12 -23.37 -24.65 -3.92
CA LYS A 12 -24.42 -25.57 -3.53
C LYS A 12 -25.70 -25.18 -4.23
N LYS A 13 -26.57 -26.15 -4.43
CA LYS A 13 -27.87 -25.83 -4.99
C LYS A 13 -28.89 -25.68 -3.87
N PRO A 14 -29.95 -24.90 -4.10
CA PRO A 14 -30.93 -24.64 -3.05
C PRO A 14 -31.46 -25.93 -2.42
N GLY A 15 -31.53 -25.94 -1.10
CA GLY A 15 -31.97 -27.10 -0.35
C GLY A 15 -30.87 -28.03 0.10
N ALA A 16 -29.65 -27.87 -0.43
CA ALA A 16 -28.55 -28.74 -0.06
C ALA A 16 -27.99 -28.32 1.30
N SER A 17 -26.87 -28.91 1.70
CA SER A 17 -26.17 -28.52 2.91
C SER A 17 -24.72 -28.25 2.57
N VAL A 18 -24.05 -27.52 3.45
CA VAL A 18 -22.63 -27.22 3.33
C VAL A 18 -21.99 -27.39 4.70
N LYS A 19 -20.79 -27.97 4.73
CA LYS A 19 -20.05 -28.16 5.97
C LYS A 19 -18.70 -27.46 5.82
N VAL A 20 -18.56 -26.31 6.48
CA VAL A 20 -17.34 -25.51 6.44
C VAL A 20 -16.50 -25.85 7.66
N SER A 21 -15.19 -25.96 7.47
CA SER A 21 -14.27 -26.37 8.53
C SER A 21 -13.29 -25.25 8.84
N CYS A 22 -12.76 -25.26 10.07
CA CYS A 22 -11.84 -24.24 10.52
C CYS A 22 -10.81 -24.90 11.43
N LYS A 23 -9.60 -25.09 10.92
CA LYS A 23 -8.55 -25.81 11.64
C LYS A 23 -7.67 -24.82 12.38
N ALA A 24 -7.46 -25.05 13.68
CA ALA A 24 -6.72 -24.14 14.54
C ALA A 24 -5.34 -24.70 14.84
N SER A 25 -4.34 -23.82 14.79
CA SER A 25 -2.99 -24.12 15.26
C SER A 25 -2.48 -22.94 16.07
N GLY A 26 -1.42 -23.19 16.83
CA GLY A 26 -0.72 -22.15 17.56
C GLY A 26 -1.18 -21.89 18.97
N TYR A 27 -2.18 -22.61 19.48
CA TYR A 27 -2.70 -22.37 20.81
C TYR A 27 -3.53 -23.58 21.24
N THR A 28 -3.92 -23.57 22.52
CA THR A 28 -4.72 -24.65 23.10
C THR A 28 -6.13 -24.58 22.54
N PHE A 29 -6.49 -25.57 21.70
CA PHE A 29 -7.72 -25.51 20.93
C PHE A 29 -8.97 -25.66 21.79
N THR A 30 -8.88 -26.39 22.91
CA THR A 30 -10.04 -26.64 23.75
C THR A 30 -10.35 -25.51 24.73
N ASN A 31 -9.56 -24.45 24.76
CA ASN A 31 -9.72 -23.44 25.79
C ASN A 31 -10.56 -22.25 25.36
N TYR A 32 -10.91 -22.13 24.08
CA TYR A 32 -11.53 -20.91 23.57
C TYR A 32 -12.60 -21.23 22.55
N ASP A 33 -13.74 -20.55 22.67
CA ASP A 33 -14.84 -20.72 21.73
C ASP A 33 -14.40 -20.30 20.33
N ILE A 34 -14.93 -20.99 19.33
CA ILE A 34 -14.77 -20.62 17.92
C ILE A 34 -16.08 -20.01 17.45
N ASN A 35 -16.02 -18.82 16.85
CA ASN A 35 -17.20 -18.09 16.42
C ASN A 35 -17.28 -18.04 14.91
N TRP A 36 -18.50 -18.10 14.38
CA TRP A 36 -18.76 -18.08 12.95
C TRP A 36 -19.59 -16.86 12.60
N VAL A 37 -19.12 -16.08 11.63
CA VAL A 37 -19.79 -14.88 11.14
C VAL A 37 -19.80 -14.92 9.62
N ARG A 38 -20.87 -14.40 9.01
CA ARG A 38 -21.00 -14.40 7.56
C ARG A 38 -21.31 -12.99 7.07
N GLN A 39 -21.01 -12.75 5.79
CA GLN A 39 -21.19 -11.45 5.14
C GLN A 39 -21.62 -11.70 3.70
N ALA A 40 -22.88 -11.41 3.39
CA ALA A 40 -23.38 -11.55 2.03
C ALA A 40 -22.79 -10.46 1.15
N PRO A 41 -22.75 -10.67 -0.18
CA PRO A 41 -22.13 -9.69 -1.08
C PRO A 41 -22.67 -8.28 -0.91
N GLY A 42 -21.82 -7.38 -0.43
CA GLY A 42 -22.17 -5.98 -0.27
C GLY A 42 -22.89 -5.65 1.02
N GLN A 43 -23.14 -6.62 1.88
CA GLN A 43 -23.90 -6.41 3.10
C GLN A 43 -22.96 -6.35 4.30
N GLY A 44 -23.54 -6.38 5.49
CA GLY A 44 -22.79 -6.32 6.74
C GLY A 44 -22.50 -7.68 7.31
N LEU A 45 -22.18 -7.69 8.60
CA LEU A 45 -21.79 -8.92 9.29
C LEU A 45 -22.97 -9.48 10.08
N GLU A 46 -23.14 -10.79 10.00
CA GLU A 46 -24.18 -11.50 10.74
C GLU A 46 -23.55 -12.66 11.51
N TRP A 47 -23.97 -12.82 12.76
CA TRP A 47 -23.40 -13.82 13.64
C TRP A 47 -24.19 -15.12 13.55
N ILE A 48 -23.48 -16.24 13.43
CA ILE A 48 -24.11 -17.55 13.31
C ILE A 48 -24.14 -18.30 14.63
N GLY A 49 -23.02 -18.35 15.33
CA GLY A 49 -22.95 -19.02 16.61
C GLY A 49 -21.52 -19.28 17.02
N TRP A 50 -21.38 -19.96 18.16
CA TRP A 50 -20.08 -20.45 18.58
C TRP A 50 -20.23 -21.85 19.18
N ILE A 51 -19.12 -22.57 19.16
CA ILE A 51 -18.99 -23.85 19.83
C ILE A 51 -17.79 -23.78 20.76
N PHE A 52 -17.92 -24.37 21.95
CA PHE A 52 -16.82 -24.45 22.90
C PHE A 52 -16.15 -25.80 22.73
N PRO A 53 -14.95 -25.86 22.14
CA PRO A 53 -14.32 -27.15 21.86
C PRO A 53 -13.99 -27.96 23.11
N GLY A 54 -13.94 -27.34 24.29
CA GLY A 54 -13.65 -28.10 25.50
C GLY A 54 -14.71 -29.13 25.81
N GLU A 55 -15.97 -28.78 25.62
CA GLU A 55 -17.09 -29.64 25.99
C GLU A 55 -18.07 -29.84 24.83
N GLY A 56 -17.85 -29.21 23.68
CA GLY A 56 -18.75 -29.36 22.55
C GLY A 56 -20.04 -28.59 22.67
N SER A 57 -20.17 -27.75 23.70
CA SER A 57 -21.37 -26.96 23.89
C SER A 57 -21.47 -25.86 22.83
N THR A 58 -22.71 -25.49 22.50
CA THR A 58 -22.96 -24.56 21.41
C THR A 58 -23.98 -23.50 21.82
N LYS A 59 -23.99 -22.44 21.01
CA LYS A 59 -25.02 -21.40 21.05
C LYS A 59 -25.18 -20.90 19.63
N TYR A 60 -26.42 -20.82 19.17
CA TYR A 60 -26.73 -20.46 17.79
C TYR A 60 -27.59 -19.20 17.74
N ASN A 61 -27.44 -18.44 16.66
CA ASN A 61 -28.43 -17.41 16.35
C ASN A 61 -29.77 -18.06 16.06
N GLU A 62 -30.83 -17.51 16.66
CA GLU A 62 -32.17 -18.06 16.48
C GLU A 62 -32.60 -18.02 15.02
N LYS A 63 -32.04 -17.10 14.23
CA LYS A 63 -32.37 -17.01 12.82
C LYS A 63 -31.95 -18.24 12.03
N PHE A 64 -31.16 -19.13 12.63
CA PHE A 64 -30.72 -20.35 11.97
C PHE A 64 -31.09 -21.62 12.72
N LYS A 65 -31.88 -21.52 13.80
CA LYS A 65 -32.21 -22.70 14.60
C LYS A 65 -32.84 -23.77 13.73
N GLY A 66 -32.22 -24.94 13.69
CA GLY A 66 -32.67 -26.05 12.88
C GLY A 66 -31.92 -26.24 11.59
N ARG A 67 -31.22 -25.21 11.11
CA ARG A 67 -30.46 -25.30 9.87
C ARG A 67 -28.96 -25.43 10.09
N VAL A 68 -28.44 -25.00 11.23
CA VAL A 68 -27.00 -24.95 11.46
C VAL A 68 -26.64 -25.93 12.56
N THR A 69 -25.58 -26.69 12.34
CA THR A 69 -24.98 -27.58 13.33
C THR A 69 -23.49 -27.29 13.40
N MET A 70 -22.99 -27.09 14.61
CA MET A 70 -21.57 -26.88 14.83
C MET A 70 -21.01 -28.04 15.65
N THR A 71 -19.89 -28.60 15.18
CA THR A 71 -19.24 -29.71 15.85
C THR A 71 -17.74 -29.43 15.94
N ARG A 72 -17.06 -30.28 16.71
CA ARG A 72 -15.64 -30.17 16.93
C ARG A 72 -14.99 -31.53 16.73
N ASP A 73 -13.71 -31.51 16.37
CA ASP A 73 -12.86 -32.70 16.37
C ASP A 73 -11.58 -32.28 17.07
N THR A 74 -11.54 -32.45 18.39
CA THR A 74 -10.40 -32.00 19.17
C THR A 74 -9.09 -32.64 18.70
N SER A 75 -9.15 -33.92 18.29
CA SER A 75 -7.93 -34.62 17.90
C SER A 75 -7.20 -33.91 16.77
N ILE A 76 -7.93 -33.27 15.86
CA ILE A 76 -7.30 -32.55 14.75
C ILE A 76 -7.55 -31.04 14.84
N SER A 77 -7.98 -30.56 16.00
CA SER A 77 -8.10 -29.12 16.27
C SER A 77 -8.96 -28.41 15.22
N THR A 78 -10.07 -29.04 14.84
CA THR A 78 -10.93 -28.52 13.79
C THR A 78 -12.33 -28.28 14.33
N ALA A 79 -12.91 -27.14 13.94
CA ALA A 79 -14.32 -26.84 14.19
C ALA A 79 -15.05 -26.80 12.86
N TYR A 80 -16.28 -27.32 12.85
CA TYR A 80 -17.09 -27.36 11.65
C TYR A 80 -18.37 -26.56 11.82
N MET A 81 -18.85 -26.01 10.71
CA MET A 81 -20.14 -25.34 10.66
C MET A 81 -20.91 -25.91 9.49
N GLU A 82 -22.01 -26.62 9.79
CA GLU A 82 -22.84 -27.25 8.77
C GLU A 82 -24.17 -26.51 8.68
N LEU A 83 -24.44 -25.92 7.52
CA LEU A 83 -25.66 -25.17 7.29
C LEU A 83 -26.53 -25.95 6.31
N SER A 84 -27.74 -26.29 6.74
CA SER A 84 -28.62 -27.17 5.99
C SER A 84 -29.80 -26.41 5.40
N ARG A 85 -30.39 -26.99 4.36
CA ARG A 85 -31.54 -26.41 3.65
C ARG A 85 -31.17 -25.04 3.08
N LEU A 86 -30.15 -25.04 2.23
CA LEU A 86 -29.57 -23.79 1.75
C LEU A 86 -30.54 -23.05 0.85
N ARG A 87 -30.59 -21.73 1.02
CA ARG A 87 -31.39 -20.84 0.19
C ARG A 87 -30.46 -19.79 -0.43
N SER A 88 -31.06 -18.94 -1.27
CA SER A 88 -30.26 -18.01 -2.06
C SER A 88 -29.63 -16.92 -1.19
N ASP A 89 -30.32 -16.47 -0.15
CA ASP A 89 -29.76 -15.43 0.71
C ASP A 89 -28.53 -15.93 1.47
N ASP A 90 -28.39 -17.24 1.62
CA ASP A 90 -27.28 -17.83 2.35
C ASP A 90 -25.94 -17.61 1.64
N THR A 91 -25.97 -16.98 0.48
CA THR A 91 -24.76 -16.73 -0.29
C THR A 91 -23.92 -15.66 0.41
N ALA A 92 -22.77 -16.05 0.92
CA ALA A 92 -21.96 -15.15 1.73
C ALA A 92 -20.57 -15.77 1.90
N VAL A 93 -19.63 -14.94 2.35
CA VAL A 93 -18.33 -15.42 2.83
C VAL A 93 -18.46 -15.77 4.30
N TYR A 94 -18.07 -16.97 4.66
CA TYR A 94 -18.19 -17.47 6.01
C TYR A 94 -16.83 -17.45 6.70
N TYR A 95 -16.77 -16.84 7.88
CA TYR A 95 -15.54 -16.69 8.63
C TYR A 95 -15.62 -17.43 9.95
N CYS A 96 -14.52 -18.06 10.34
CA CYS A 96 -14.33 -18.53 11.70
C CYS A 96 -13.38 -17.59 12.42
N ALA A 97 -13.53 -17.52 13.74
CA ALA A 97 -12.74 -16.57 14.49
C ALA A 97 -12.67 -16.99 15.93
N THR A 98 -11.58 -16.62 16.59
CA THR A 98 -11.42 -16.83 18.02
C THR A 98 -10.69 -15.65 18.61
N GLU A 99 -10.77 -15.55 19.93
CA GLU A 99 -10.12 -14.46 20.65
C GLU A 99 -9.43 -15.01 21.89
N LEU A 100 -8.21 -14.55 22.11
CA LEU A 100 -7.36 -15.04 23.18
C LEU A 100 -6.79 -13.86 23.96
N VAL A 101 -6.31 -14.14 25.18
CA VAL A 101 -5.54 -13.18 25.97
C VAL A 101 -4.26 -13.89 26.39
N LYS A 102 -3.18 -13.66 25.66
CA LYS A 102 -1.82 -14.01 26.09
C LYS A 102 -1.05 -12.72 26.37
N ASP A 103 0.10 -12.88 27.04
CA ASP A 103 0.79 -11.75 27.65
C ASP A 103 -0.22 -11.04 28.53
N TYR A 104 -0.67 -9.85 28.12
CA TYR A 104 -1.83 -9.21 28.73
C TYR A 104 -2.81 -8.68 27.69
N TYR A 105 -2.51 -8.84 26.41
CA TYR A 105 -3.35 -8.32 25.35
C TYR A 105 -4.40 -9.35 24.94
N ALA A 106 -5.63 -8.87 24.77
CA ALA A 106 -6.59 -9.64 24.00
C ALA A 106 -6.21 -9.56 22.53
N MET A 107 -6.20 -10.70 21.86
CA MET A 107 -5.99 -10.75 20.42
C MET A 107 -7.10 -11.55 19.76
N ASP A 108 -7.45 -11.12 18.56
CA ASP A 108 -8.46 -11.76 17.74
C ASP A 108 -7.78 -12.46 16.59
N TYR A 109 -8.29 -13.61 16.21
CA TYR A 109 -7.74 -14.39 15.12
C TYR A 109 -8.87 -14.82 14.21
N TRP A 110 -8.62 -14.75 12.90
CA TRP A 110 -9.67 -14.92 11.91
C TRP A 110 -9.23 -15.89 10.84
N GLY A 111 -10.19 -16.59 10.25
CA GLY A 111 -9.92 -17.40 9.09
C GLY A 111 -9.82 -16.54 7.84
N GLN A 112 -9.50 -17.20 6.73
CA GLN A 112 -9.42 -16.48 5.47
C GLN A 112 -10.78 -16.35 4.78
N GLY A 113 -11.81 -17.02 5.28
CA GLY A 113 -13.15 -16.89 4.72
C GLY A 113 -13.47 -17.93 3.67
N THR A 114 -14.68 -18.47 3.71
CA THR A 114 -15.11 -19.50 2.77
C THR A 114 -16.35 -19.00 2.03
N LEU A 115 -16.24 -18.91 0.70
CA LEU A 115 -17.35 -18.46 -0.13
C LEU A 115 -18.30 -19.62 -0.39
N VAL A 116 -19.55 -19.46 0.03
CA VAL A 116 -20.60 -20.44 -0.21
C VAL A 116 -21.59 -19.83 -1.20
N THR A 117 -21.64 -20.38 -2.41
CA THR A 117 -22.54 -19.89 -3.44
C THR A 117 -23.72 -20.84 -3.56
N VAL A 118 -24.92 -20.31 -3.31
CA VAL A 118 -26.13 -21.10 -3.43
C VAL A 118 -26.83 -20.67 -4.71
N SER A 119 -26.95 -21.60 -5.65
CA SER A 119 -27.46 -21.25 -6.97
C SER A 119 -27.85 -22.53 -7.72
N SER A 120 -28.96 -22.45 -8.46
CA SER A 120 -29.34 -23.53 -9.35
C SER A 120 -28.57 -23.48 -10.67
N ALA A 121 -27.79 -22.43 -10.90
CA ALA A 121 -26.97 -22.35 -12.11
C ALA A 121 -25.85 -23.38 -12.07
N SER A 122 -25.20 -23.56 -13.21
CA SER A 122 -24.08 -24.48 -13.35
C SER A 122 -22.89 -23.75 -13.95
N THR A 123 -21.71 -24.34 -13.77
CA THR A 123 -20.47 -23.72 -14.18
C THR A 123 -20.48 -23.39 -15.67
N LYS A 124 -20.09 -22.17 -15.99
CA LYS A 124 -20.07 -21.69 -17.37
C LYS A 124 -19.01 -20.60 -17.50
N GLY A 125 -18.20 -20.70 -18.55
CA GLY A 125 -17.25 -19.66 -18.88
C GLY A 125 -17.96 -18.47 -19.47
N PRO A 126 -17.34 -17.29 -19.41
CA PRO A 126 -17.96 -16.09 -19.94
C PRO A 126 -17.69 -15.92 -21.42
N SER A 127 -18.56 -15.13 -22.06
CA SER A 127 -18.36 -14.70 -23.43
C SER A 127 -17.90 -13.25 -23.40
N VAL A 128 -16.75 -12.98 -24.01
CA VAL A 128 -16.13 -11.66 -23.96
C VAL A 128 -16.50 -10.91 -25.24
N PHE A 129 -17.09 -9.73 -25.09
CA PHE A 129 -17.49 -8.91 -26.21
C PHE A 129 -16.75 -7.57 -26.18
N PRO A 130 -16.22 -7.10 -27.30
CA PRO A 130 -15.42 -5.87 -27.28
C PRO A 130 -16.29 -4.64 -27.16
N LEU A 131 -15.80 -3.65 -26.43
CA LEU A 131 -16.43 -2.33 -26.32
C LEU A 131 -15.51 -1.36 -27.05
N ALA A 132 -15.74 -1.19 -28.35
CA ALA A 132 -14.84 -0.45 -29.22
C ALA A 132 -15.08 1.05 -29.11
N PRO A 133 -14.03 1.84 -29.29
CA PRO A 133 -14.18 3.30 -29.18
C PRO A 133 -14.95 3.89 -30.35
N SER A 134 -15.54 5.08 -30.10
CA SER A 134 -16.43 5.73 -31.05
C SER A 134 -16.08 7.22 -31.12
N SER A 135 -14.89 7.52 -31.65
CA SER A 135 -14.44 8.90 -31.87
C SER A 135 -14.49 9.75 -30.61
N GLY A 141 -10.50 14.41 -26.06
CA GLY A 141 -9.18 14.10 -26.60
C GLY A 141 -8.76 12.66 -26.40
N THR A 142 -9.30 12.03 -25.37
CA THR A 142 -9.00 10.63 -25.09
C THR A 142 -10.17 9.73 -25.52
N ALA A 143 -9.84 8.50 -25.89
CA ALA A 143 -10.82 7.49 -26.22
C ALA A 143 -10.99 6.52 -25.08
N ALA A 144 -12.19 5.95 -24.97
CA ALA A 144 -12.50 4.93 -23.97
C ALA A 144 -12.87 3.64 -24.66
N LEU A 145 -12.40 2.52 -24.12
CA LEU A 145 -12.69 1.21 -24.65
C LEU A 145 -12.68 0.21 -23.51
N GLY A 146 -13.20 -0.99 -23.79
CA GLY A 146 -13.24 -1.99 -22.74
C GLY A 146 -13.69 -3.33 -23.27
N CYS A 147 -14.08 -4.20 -22.33
CA CYS A 147 -14.57 -5.53 -22.64
C CYS A 147 -15.78 -5.83 -21.76
N LEU A 148 -16.77 -6.52 -22.35
CA LEU A 148 -17.98 -6.92 -21.64
C LEU A 148 -17.88 -8.40 -21.39
N VAL A 149 -17.60 -8.78 -20.15
CA VAL A 149 -17.47 -10.18 -19.76
C VAL A 149 -18.85 -10.60 -19.26
N LYS A 150 -19.56 -11.38 -20.07
CA LYS A 150 -20.97 -11.64 -19.85
C LYS A 150 -21.22 -13.13 -19.65
N ASP A 151 -22.09 -13.44 -18.69
CA ASP A 151 -22.66 -14.76 -18.51
C ASP A 151 -21.64 -15.80 -18.09
N TYR A 152 -21.15 -15.69 -16.87
CA TYR A 152 -20.28 -16.69 -16.28
C TYR A 152 -20.79 -17.09 -14.91
N PHE A 153 -20.39 -18.29 -14.47
CA PHE A 153 -20.75 -18.77 -13.14
C PHE A 153 -19.78 -19.87 -12.72
N PRO A 154 -19.38 -19.92 -11.44
CA PRO A 154 -19.65 -18.93 -10.41
C PRO A 154 -18.53 -17.91 -10.38
N GLU A 155 -18.46 -17.07 -9.35
CA GLU A 155 -17.34 -16.16 -9.22
C GLU A 155 -16.06 -16.95 -8.93
N PRO A 156 -14.90 -16.34 -9.17
CA PRO A 156 -14.66 -15.01 -9.73
C PRO A 156 -14.11 -15.06 -11.16
N VAL A 157 -14.12 -13.91 -11.84
CA VAL A 157 -13.44 -13.76 -13.12
C VAL A 157 -12.39 -12.67 -12.94
N THR A 158 -11.24 -12.87 -13.59
CA THR A 158 -10.18 -11.88 -13.60
C THR A 158 -10.09 -11.25 -14.98
N VAL A 159 -9.74 -9.97 -15.01
CA VAL A 159 -9.49 -9.23 -16.25
C VAL A 159 -8.19 -8.46 -16.10
N SER A 160 -7.30 -8.62 -17.07
CA SER A 160 -6.11 -7.80 -17.21
C SER A 160 -6.06 -7.27 -18.64
N TRP A 161 -5.15 -6.34 -18.89
CA TRP A 161 -5.03 -5.73 -20.20
C TRP A 161 -3.59 -5.84 -20.68
N ASN A 162 -3.43 -6.20 -21.96
CA ASN A 162 -2.12 -6.31 -22.59
C ASN A 162 -1.18 -7.20 -21.78
N SER A 163 -1.73 -8.32 -21.29
CA SER A 163 -0.98 -9.34 -20.55
C SER A 163 -0.31 -8.76 -19.31
N GLY A 164 -0.92 -7.74 -18.70
CA GLY A 164 -0.42 -7.18 -17.46
C GLY A 164 0.43 -5.92 -17.60
N ALA A 165 0.63 -5.43 -18.82
CA ALA A 165 1.46 -4.24 -19.01
C ALA A 165 0.70 -2.95 -18.82
N LEU A 166 -0.62 -2.98 -18.92
CA LEU A 166 -1.44 -1.76 -18.90
C LEU A 166 -2.25 -1.74 -17.60
N THR A 167 -1.65 -1.17 -16.56
CA THR A 167 -2.34 -1.01 -15.28
C THR A 167 -2.95 0.35 -15.08
N SER A 168 -2.53 1.36 -15.84
CA SER A 168 -2.95 2.73 -15.63
C SER A 168 -4.23 3.04 -16.39
N GLY A 169 -5.14 3.76 -15.73
CA GLY A 169 -6.39 4.14 -16.35
C GLY A 169 -7.37 3.01 -16.58
N VAL A 170 -7.29 1.95 -15.79
CA VAL A 170 -8.10 0.76 -15.97
C VAL A 170 -9.12 0.69 -14.84
N HIS A 171 -10.37 0.39 -15.19
CA HIS A 171 -11.46 0.30 -14.21
C HIS A 171 -12.27 -0.96 -14.50
N THR A 172 -12.09 -1.98 -13.67
CA THR A 172 -12.83 -3.24 -13.79
C THR A 172 -13.96 -3.24 -12.76
N PHE A 173 -15.19 -3.36 -13.23
CA PHE A 173 -16.33 -3.10 -12.38
C PHE A 173 -16.73 -4.33 -11.56
N PRO A 174 -17.26 -4.11 -10.36
CA PRO A 174 -17.79 -5.23 -9.57
C PRO A 174 -18.90 -5.95 -10.33
N ALA A 175 -18.85 -7.29 -10.29
CA ALA A 175 -19.79 -8.10 -11.04
C ALA A 175 -21.22 -7.84 -10.57
N VAL A 176 -22.17 -8.11 -11.47
CA VAL A 176 -23.59 -7.99 -11.17
C VAL A 176 -24.23 -9.35 -11.41
N LEU A 177 -25.13 -9.74 -10.52
CA LEU A 177 -25.86 -11.00 -10.63
C LEU A 177 -27.17 -10.76 -11.37
N GLN A 178 -27.29 -11.30 -12.57
CA GLN A 178 -28.51 -11.15 -13.35
C GLN A 178 -29.56 -12.14 -12.87
N SER A 179 -30.82 -11.86 -13.24
CA SER A 179 -31.92 -12.73 -12.86
C SER A 179 -31.75 -14.15 -13.38
N SER A 180 -30.95 -14.35 -14.42
CA SER A 180 -30.69 -15.66 -14.97
C SER A 180 -29.72 -16.48 -14.13
N GLY A 181 -29.23 -15.95 -13.02
CA GLY A 181 -28.31 -16.64 -12.16
C GLY A 181 -26.86 -16.59 -12.59
N LEU A 182 -26.55 -15.94 -13.70
CA LEU A 182 -25.19 -15.82 -14.21
C LEU A 182 -24.66 -14.42 -13.94
N TYR A 183 -23.34 -14.31 -13.84
CA TYR A 183 -22.68 -13.06 -13.50
C TYR A 183 -22.17 -12.37 -14.76
N SER A 184 -22.06 -11.05 -14.67
CA SER A 184 -21.52 -10.24 -15.76
C SER A 184 -20.88 -9.00 -15.17
N LEU A 185 -19.74 -8.61 -15.76
CA LEU A 185 -19.08 -7.37 -15.40
C LEU A 185 -18.46 -6.78 -16.67
N SER A 186 -18.31 -5.46 -16.67
CA SER A 186 -17.57 -4.76 -17.70
C SER A 186 -16.24 -4.29 -17.14
N SER A 187 -15.25 -4.17 -18.02
CA SER A 187 -13.93 -3.69 -17.67
C SER A 187 -13.50 -2.70 -18.75
N VAL A 188 -13.14 -1.49 -18.35
CA VAL A 188 -12.92 -0.39 -19.28
C VAL A 188 -11.54 0.23 -19.04
N VAL A 189 -11.10 1.00 -20.03
CA VAL A 189 -9.79 1.65 -19.98
C VAL A 189 -9.84 2.86 -20.89
N THR A 190 -9.10 3.91 -20.53
CA THR A 190 -9.00 5.13 -21.30
C THR A 190 -7.63 5.22 -21.95
N VAL A 191 -7.61 5.69 -23.19
CA VAL A 191 -6.40 5.77 -24.00
C VAL A 191 -6.51 7.04 -24.86
N PRO A 192 -5.43 7.78 -25.12
CA PRO A 192 -5.53 8.89 -26.08
C PRO A 192 -6.01 8.39 -27.43
N SER A 193 -6.65 9.31 -28.18
CA SER A 193 -7.25 8.94 -29.45
C SER A 193 -6.25 8.32 -30.42
N SER A 194 -4.96 8.61 -30.24
CA SER A 194 -3.92 7.98 -31.04
C SER A 194 -3.79 6.49 -30.69
N THR A 200 -1.48 -2.18 -29.72
CA THR A 200 -2.84 -2.71 -29.70
C THR A 200 -3.27 -2.99 -28.27
N TYR A 201 -4.54 -3.34 -28.07
CA TYR A 201 -5.09 -3.48 -26.73
C TYR A 201 -5.92 -4.75 -26.62
N ILE A 202 -5.59 -5.56 -25.61
CA ILE A 202 -6.13 -6.91 -25.47
C ILE A 202 -6.52 -7.11 -24.01
N CYS A 203 -7.77 -7.48 -23.76
CA CYS A 203 -8.23 -7.78 -22.40
C CYS A 203 -8.09 -9.28 -22.15
N ASN A 204 -7.36 -9.63 -21.10
CA ASN A 204 -7.08 -11.02 -20.75
C ASN A 204 -8.07 -11.45 -19.67
N VAL A 205 -8.99 -12.35 -20.03
CA VAL A 205 -10.06 -12.79 -19.15
C VAL A 205 -9.84 -14.26 -18.83
N ASN A 206 -9.91 -14.59 -17.54
CA ASN A 206 -9.69 -15.97 -17.10
C ASN A 206 -10.70 -16.32 -16.02
N HIS A 207 -11.38 -17.45 -16.20
CA HIS A 207 -12.38 -17.96 -15.27
C HIS A 207 -11.90 -19.31 -14.76
N LYS A 208 -11.25 -19.30 -13.59
CA LYS A 208 -10.76 -20.54 -12.99
C LYS A 208 -11.82 -21.62 -12.84
N PRO A 209 -13.05 -21.35 -12.37
CA PRO A 209 -14.01 -22.45 -12.18
C PRO A 209 -14.36 -23.20 -13.46
N SER A 210 -14.17 -22.60 -14.63
CA SER A 210 -14.46 -23.26 -15.90
C SER A 210 -13.24 -23.36 -16.80
N ASN A 211 -12.06 -23.00 -16.31
CA ASN A 211 -10.81 -23.03 -17.08
C ASN A 211 -10.90 -22.20 -18.36
N THR A 212 -11.79 -21.22 -18.40
CA THR A 212 -12.00 -20.41 -19.60
C THR A 212 -11.01 -19.25 -19.59
N LYS A 213 -10.10 -19.25 -20.56
CA LYS A 213 -9.14 -18.17 -20.75
C LYS A 213 -9.35 -17.60 -22.15
N VAL A 214 -9.68 -16.32 -22.22
CA VAL A 214 -9.99 -15.66 -23.49
C VAL A 214 -9.29 -14.30 -23.50
N ASP A 215 -8.23 -14.19 -24.31
CA ASP A 215 -7.68 -12.90 -24.70
C ASP A 215 -8.46 -12.39 -25.89
N LYS A 216 -9.03 -11.19 -25.77
CA LYS A 216 -9.74 -10.56 -26.88
C LYS A 216 -9.12 -9.20 -27.15
N ARG A 217 -8.66 -9.00 -28.38
CA ARG A 217 -8.16 -7.72 -28.83
C ARG A 217 -9.33 -6.80 -29.17
N VAL A 218 -9.31 -5.59 -28.62
CA VAL A 218 -10.33 -4.60 -28.93
C VAL A 218 -9.83 -3.72 -30.07
N GLU A 219 -10.72 -3.41 -31.00
CA GLU A 219 -10.40 -2.59 -32.15
C GLU A 219 -11.65 -1.84 -32.56
N PRO A 220 -11.54 -0.59 -33.00
CA PRO A 220 -12.69 0.24 -33.39
C PRO A 220 -13.41 -0.28 -34.63
N ASP B 1 -33.98 -9.70 19.78
CA ASP B 1 -32.77 -9.08 19.24
C ASP B 1 -32.62 -7.64 19.71
N ILE B 2 -31.37 -7.25 19.98
CA ILE B 2 -31.02 -5.85 20.19
C ILE B 2 -30.56 -5.29 18.86
N GLN B 3 -31.16 -4.18 18.43
CA GLN B 3 -30.73 -3.49 17.23
C GLN B 3 -29.57 -2.56 17.53
N MET B 4 -28.54 -2.62 16.69
CA MET B 4 -27.42 -1.69 16.73
C MET B 4 -27.54 -0.79 15.51
N THR B 5 -27.68 0.52 15.73
CA THR B 5 -27.84 1.48 14.65
C THR B 5 -26.65 2.42 14.60
N GLN B 6 -26.03 2.51 13.44
CA GLN B 6 -24.86 3.36 13.23
C GLN B 6 -25.23 4.52 12.31
N SER B 7 -24.59 5.67 12.54
CA SER B 7 -24.88 6.86 11.78
C SER B 7 -23.66 7.76 11.75
N PRO B 8 -23.31 8.32 10.58
CA PRO B 8 -23.96 8.14 9.28
C PRO B 8 -23.56 6.80 8.67
N SER B 9 -24.22 6.30 7.62
CA SER B 9 -23.74 5.07 6.99
C SER B 9 -22.47 5.30 6.19
N SER B 10 -22.16 6.55 5.85
CA SER B 10 -20.93 6.87 5.16
C SER B 10 -20.52 8.29 5.52
N LEU B 11 -19.23 8.58 5.35
CA LEU B 11 -18.68 9.89 5.69
C LEU B 11 -17.44 10.14 4.85
N SER B 12 -17.31 11.38 4.37
CA SER B 12 -16.17 11.79 3.56
C SER B 12 -15.27 12.68 4.41
N ALA B 13 -14.05 12.20 4.70
CA ALA B 13 -13.11 12.99 5.46
C ALA B 13 -11.76 13.04 4.75
N SER B 14 -10.76 13.63 5.39
CA SER B 14 -9.43 13.79 4.81
C SER B 14 -8.39 13.34 5.83
N VAL B 15 -7.17 13.10 5.36
CA VAL B 15 -6.09 12.72 6.26
C VAL B 15 -5.86 13.81 7.29
N GLY B 16 -5.69 13.41 8.55
CA GLY B 16 -5.55 14.33 9.64
C GLY B 16 -6.84 14.76 10.29
N ASP B 17 -7.97 14.62 9.60
CA ASP B 17 -9.26 14.95 10.18
C ASP B 17 -9.54 14.10 11.41
N ARG B 18 -10.30 14.66 12.34
CA ARG B 18 -10.76 13.95 13.52
C ARG B 18 -12.16 13.42 13.22
N VAL B 19 -12.29 12.09 13.15
CA VAL B 19 -13.53 11.44 12.73
C VAL B 19 -14.21 10.84 13.95
N THR B 20 -15.52 11.08 14.08
CA THR B 20 -16.34 10.57 15.17
C THR B 20 -17.50 9.78 14.58
N ILE B 21 -17.77 8.61 15.16
CA ILE B 21 -18.75 7.67 14.64
C ILE B 21 -19.55 7.13 15.81
N THR B 22 -20.87 7.12 15.69
CA THR B 22 -21.74 6.72 16.80
C THR B 22 -22.36 5.35 16.53
N CYS B 23 -22.93 4.79 17.61
CA CYS B 23 -23.55 3.48 17.58
C CYS B 23 -24.51 3.42 18.75
N LYS B 24 -25.76 3.05 18.49
CA LYS B 24 -26.82 3.11 19.48
C LYS B 24 -27.54 1.77 19.56
N ALA B 25 -27.72 1.28 20.79
CA ALA B 25 -28.36 0.00 21.02
C ALA B 25 -29.81 0.20 21.43
N SER B 26 -30.69 -0.67 20.94
CA SER B 26 -32.11 -0.60 21.30
C SER B 26 -32.36 -0.91 22.77
N GLN B 27 -31.38 -1.49 23.48
CA GLN B 27 -31.49 -1.75 24.90
C GLN B 27 -30.16 -1.43 25.56
N ASN B 28 -30.20 -1.17 26.87
CA ASN B 28 -28.98 -0.94 27.63
C ASN B 28 -28.10 -2.19 27.61
N VAL B 29 -26.84 -2.02 27.25
CA VAL B 29 -25.92 -3.15 27.10
C VAL B 29 -24.67 -2.95 27.92
N GLY B 30 -24.74 -2.10 28.94
CA GLY B 30 -23.58 -1.85 29.78
C GLY B 30 -22.39 -1.38 28.97
N THR B 31 -21.27 -2.08 29.13
CA THR B 31 -20.04 -1.77 28.41
C THR B 31 -19.66 -2.85 27.40
N ASN B 32 -20.55 -3.80 27.14
CA ASN B 32 -20.23 -4.98 26.32
C ASN B 32 -20.43 -4.65 24.83
N VAL B 33 -19.55 -3.81 24.32
CA VAL B 33 -19.62 -3.35 22.94
C VAL B 33 -18.24 -3.46 22.30
N ALA B 34 -18.19 -3.97 21.07
CA ALA B 34 -16.97 -4.13 20.30
C ALA B 34 -17.07 -3.33 19.01
N TRP B 35 -15.91 -2.91 18.49
CA TRP B 35 -15.80 -2.19 17.23
C TRP B 35 -14.84 -2.93 16.31
N PHE B 36 -15.23 -3.09 15.04
CA PHE B 36 -14.41 -3.77 14.06
C PHE B 36 -14.08 -2.85 12.90
N GLN B 37 -12.92 -3.08 12.28
CA GLN B 37 -12.57 -2.49 11.00
C GLN B 37 -12.51 -3.60 9.96
N GLN B 38 -12.99 -3.32 8.75
CA GLN B 38 -12.94 -4.28 7.67
C GLN B 38 -12.65 -3.58 6.37
N LYS B 39 -11.72 -4.11 5.61
CA LYS B 39 -11.36 -3.76 4.24
C LYS B 39 -12.11 -4.66 3.27
N PRO B 40 -12.42 -4.16 2.07
CA PRO B 40 -13.16 -5.00 1.11
C PRO B 40 -12.34 -6.22 0.71
N GLY B 41 -12.97 -7.39 0.77
CA GLY B 41 -12.31 -8.63 0.46
C GLY B 41 -11.47 -9.22 1.58
N LYS B 42 -11.46 -8.61 2.76
CA LYS B 42 -10.69 -9.09 3.89
C LYS B 42 -11.60 -9.28 5.09
N ALA B 43 -11.16 -10.16 6.01
CA ALA B 43 -11.89 -10.37 7.24
C ALA B 43 -11.81 -9.13 8.12
N PRO B 44 -12.74 -8.99 9.08
CA PRO B 44 -12.65 -7.85 10.01
C PRO B 44 -11.45 -7.98 10.94
N LYS B 45 -10.91 -6.83 11.33
CA LYS B 45 -9.88 -6.74 12.35
C LYS B 45 -10.51 -6.06 13.56
N ALA B 46 -10.48 -6.74 14.70
CA ALA B 46 -11.10 -6.21 15.92
C ALA B 46 -10.28 -5.03 16.43
N LEU B 47 -10.97 -3.96 16.82
CA LEU B 47 -10.33 -2.73 17.28
C LEU B 47 -10.50 -2.52 18.77
N ILE B 48 -11.72 -2.69 19.27
CA ILE B 48 -12.09 -2.28 20.63
C ILE B 48 -12.93 -3.37 21.25
N TYR B 49 -12.73 -3.59 22.56
CA TYR B 49 -13.62 -4.41 23.35
C TYR B 49 -13.85 -3.71 24.67
N SER B 50 -14.90 -4.12 25.38
CA SER B 50 -15.32 -3.49 26.61
C SER B 50 -15.48 -1.99 26.42
N ALA B 51 -16.01 -1.61 25.25
CA ALA B 51 -16.37 -0.24 24.91
C ALA B 51 -15.17 0.67 24.68
N SER B 52 -14.08 0.46 25.41
CA SER B 52 -13.00 1.44 25.39
C SER B 52 -11.59 0.85 25.37
N TYR B 53 -11.44 -0.46 25.38
CA TYR B 53 -10.13 -1.08 25.48
C TYR B 53 -9.70 -1.59 24.12
N ARG B 54 -8.46 -1.26 23.74
CA ARG B 54 -7.96 -1.57 22.42
C ARG B 54 -7.42 -2.99 22.36
N TYR B 55 -7.54 -3.59 21.18
CA TYR B 55 -6.93 -4.88 20.92
C TYR B 55 -5.43 -4.71 20.67
N SER B 56 -4.72 -5.84 20.73
CA SER B 56 -3.28 -5.81 20.48
C SER B 56 -2.98 -5.31 19.07
N GLY B 57 -2.00 -4.42 18.99
CA GLY B 57 -1.59 -3.87 17.72
C GLY B 57 -2.46 -2.75 17.17
N VAL B 58 -3.51 -2.36 17.89
CA VAL B 58 -4.39 -1.31 17.40
C VAL B 58 -3.82 0.05 17.79
N PRO B 59 -3.49 0.91 16.83
CA PRO B 59 -2.84 2.18 17.18
C PRO B 59 -3.71 3.02 18.09
N SER B 60 -3.03 3.82 18.93
CA SER B 60 -3.68 4.59 19.99
C SER B 60 -4.62 5.65 19.45
N ARG B 61 -4.49 6.03 18.17
CA ARG B 61 -5.38 7.03 17.62
C ARG B 61 -6.81 6.52 17.49
N PHE B 62 -7.03 5.21 17.66
CA PHE B 62 -8.36 4.64 17.72
C PHE B 62 -8.80 4.55 19.18
N SER B 63 -9.83 5.30 19.54
CA SER B 63 -10.32 5.31 20.91
C SER B 63 -11.81 5.02 20.94
N GLY B 64 -12.23 4.26 21.94
CA GLY B 64 -13.62 3.88 22.10
C GLY B 64 -14.20 4.49 23.37
N SER B 65 -15.51 4.72 23.34
CA SER B 65 -16.18 5.36 24.46
C SER B 65 -17.66 5.02 24.38
N GLY B 66 -18.32 5.10 25.54
CA GLY B 66 -19.74 4.82 25.64
C GLY B 66 -20.06 3.86 26.77
N SER B 67 -21.35 3.80 27.05
CA SER B 67 -21.89 3.03 28.17
C SER B 67 -23.41 3.05 28.12
N GLY B 68 -24.02 1.88 28.28
CA GLY B 68 -25.48 1.80 28.23
C GLY B 68 -26.05 1.63 26.84
N THR B 69 -26.43 2.73 26.20
CA THR B 69 -27.04 2.68 24.88
C THR B 69 -26.36 3.55 23.83
N ASP B 70 -25.47 4.47 24.22
CA ASP B 70 -24.81 5.37 23.28
C ASP B 70 -23.31 5.09 23.31
N PHE B 71 -22.73 4.85 22.14
CA PHE B 71 -21.32 4.48 22.05
C PHE B 71 -20.67 5.23 20.90
N THR B 72 -19.35 5.33 20.97
CA THR B 72 -18.60 6.14 20.02
C THR B 72 -17.24 5.55 19.75
N LEU B 73 -16.81 5.63 18.49
CA LEU B 73 -15.43 5.36 18.08
C LEU B 73 -14.83 6.65 17.56
N THR B 74 -13.62 6.99 18.02
CA THR B 74 -12.95 8.22 17.62
C THR B 74 -11.59 7.89 17.01
N ILE B 75 -11.34 8.46 15.83
CA ILE B 75 -10.04 8.41 15.19
C ILE B 75 -9.45 9.81 15.32
N SER B 76 -8.39 9.93 16.14
CA SER B 76 -7.87 11.24 16.51
C SER B 76 -7.30 11.98 15.31
N SER B 77 -6.50 11.30 14.50
CA SER B 77 -5.92 11.90 13.30
C SER B 77 -5.99 10.86 12.18
N LEU B 78 -6.95 11.04 11.27
CA LEU B 78 -7.22 10.05 10.24
C LEU B 78 -6.00 9.86 9.35
N GLN B 79 -5.54 8.63 9.24
CA GLN B 79 -4.39 8.27 8.44
C GLN B 79 -4.84 7.46 7.22
N PRO B 80 -4.05 7.48 6.13
CA PRO B 80 -4.57 6.95 4.86
C PRO B 80 -5.01 5.48 4.89
N GLU B 81 -4.41 4.64 5.73
CA GLU B 81 -4.81 3.24 5.81
C GLU B 81 -6.02 3.04 6.70
N ASP B 82 -6.64 4.11 7.17
CA ASP B 82 -7.82 4.01 8.02
C ASP B 82 -9.12 4.06 7.23
N PHE B 83 -9.07 4.41 5.95
CA PHE B 83 -10.27 4.42 5.13
C PHE B 83 -10.77 3.00 4.95
N ALA B 84 -11.95 2.75 5.51
CA ALA B 84 -12.52 1.41 5.63
C ALA B 84 -13.91 1.57 6.23
N THR B 85 -14.59 0.45 6.38
CA THR B 85 -15.89 0.39 7.03
C THR B 85 -15.71 -0.04 8.47
N TYR B 86 -16.54 0.51 9.35
CA TYR B 86 -16.40 0.28 10.79
C TYR B 86 -17.72 -0.20 11.35
N TYR B 87 -17.69 -1.34 12.03
CA TYR B 87 -18.87 -1.94 12.64
C TYR B 87 -18.72 -1.94 14.15
N CYS B 88 -19.78 -1.54 14.85
CA CYS B 88 -19.89 -1.82 16.26
C CYS B 88 -20.66 -3.13 16.45
N GLN B 89 -20.61 -3.66 17.66
CA GLN B 89 -21.29 -4.92 17.97
C GLN B 89 -21.47 -5.02 19.47
N GLN B 90 -22.65 -5.49 19.87
CA GLN B 90 -22.93 -5.76 21.27
C GLN B 90 -22.78 -7.25 21.56
N TYR B 91 -22.32 -7.56 22.77
CA TYR B 91 -22.28 -8.95 23.23
C TYR B 91 -22.79 -9.09 24.66
N ASN B 92 -23.76 -8.26 25.05
CA ASN B 92 -24.39 -8.38 26.36
C ASN B 92 -25.54 -9.38 26.38
N SER B 93 -26.05 -9.77 25.22
CA SER B 93 -27.23 -10.62 25.14
C SER B 93 -27.25 -11.30 23.78
N TYR B 94 -27.89 -12.49 23.74
CA TYR B 94 -27.93 -13.20 22.48
C TYR B 94 -29.24 -12.93 21.75
N PRO B 95 -29.23 -12.94 20.40
CA PRO B 95 -28.09 -13.21 19.51
C PRO B 95 -27.13 -12.03 19.42
N LEU B 96 -25.84 -12.29 19.26
CA LEU B 96 -24.90 -11.21 19.02
C LEU B 96 -25.27 -10.48 17.74
N THR B 97 -25.33 -9.15 17.82
CA THR B 97 -25.85 -8.33 16.73
C THR B 97 -24.86 -7.25 16.37
N PHE B 98 -24.76 -6.97 15.07
CA PHE B 98 -23.94 -5.90 14.54
C PHE B 98 -24.83 -4.78 14.03
N GLY B 99 -24.30 -3.57 14.06
CA GLY B 99 -24.89 -2.52 13.27
C GLY B 99 -24.42 -2.61 11.83
N GLN B 100 -25.15 -1.92 10.95
CA GLN B 100 -24.63 -1.82 9.58
C GLN B 100 -23.31 -1.05 9.61
N GLY B 101 -22.63 -1.04 8.48
CA GLY B 101 -21.34 -0.41 8.43
C GLY B 101 -21.41 1.10 8.45
N THR B 102 -20.29 1.72 8.81
CA THR B 102 -20.07 3.14 8.60
C THR B 102 -18.82 3.25 7.72
N LYS B 103 -19.05 3.43 6.43
CA LYS B 103 -17.97 3.47 5.46
C LYS B 103 -17.29 4.83 5.49
N LEU B 104 -15.95 4.82 5.50
CA LEU B 104 -15.16 6.04 5.69
C LEU B 104 -14.35 6.27 4.43
N GLU B 105 -14.70 7.32 3.68
CA GLU B 105 -14.15 7.56 2.36
C GLU B 105 -13.36 8.86 2.32
N ILE B 106 -12.64 9.04 1.22
CA ILE B 106 -11.71 10.15 1.04
C ILE B 106 -12.45 11.31 0.38
N LYS B 107 -12.46 12.46 1.03
CA LYS B 107 -13.05 13.65 0.44
C LYS B 107 -12.09 14.26 -0.58
N ARG B 108 -12.65 14.84 -1.63
CA ARG B 108 -11.85 15.49 -2.66
C ARG B 108 -12.74 16.45 -3.44
N THR B 109 -12.13 17.11 -4.42
CA THR B 109 -12.80 18.16 -5.17
C THR B 109 -13.82 17.55 -6.13
N VAL B 110 -14.87 18.33 -6.43
CA VAL B 110 -15.93 17.84 -7.31
C VAL B 110 -15.38 17.59 -8.71
N ALA B 111 -15.84 16.51 -9.32
CA ALA B 111 -15.43 16.10 -10.65
C ALA B 111 -16.64 15.75 -11.49
N ALA B 112 -16.68 16.25 -12.73
CA ALA B 112 -17.84 15.87 -13.52
C ALA B 112 -17.60 14.55 -14.24
N PRO B 113 -18.62 13.70 -14.38
CA PRO B 113 -18.41 12.38 -14.99
C PRO B 113 -18.20 12.50 -16.50
N SER B 114 -17.11 11.91 -16.98
CA SER B 114 -16.90 11.76 -18.42
C SER B 114 -17.82 10.66 -18.94
N VAL B 115 -18.80 11.04 -19.74
CA VAL B 115 -19.86 10.13 -20.16
C VAL B 115 -19.56 9.61 -21.55
N PHE B 116 -19.52 8.29 -21.68
CA PHE B 116 -19.36 7.61 -22.97
C PHE B 116 -20.49 6.60 -23.14
N ILE B 117 -20.67 6.14 -24.37
CA ILE B 117 -21.73 5.19 -24.70
C ILE B 117 -21.19 4.18 -25.71
N PHE B 118 -21.48 2.90 -25.49
CA PHE B 118 -21.04 1.80 -26.34
C PHE B 118 -22.21 1.00 -26.88
N PRO B 119 -22.20 0.62 -28.15
CA PRO B 119 -23.29 -0.19 -28.70
C PRO B 119 -23.00 -1.67 -28.54
N PRO B 120 -24.00 -2.53 -28.75
CA PRO B 120 -23.75 -3.97 -28.70
C PRO B 120 -22.85 -4.40 -29.85
N SER B 121 -21.89 -5.27 -29.54
CA SER B 121 -20.93 -5.69 -30.54
C SER B 121 -21.54 -6.68 -31.53
N ASP B 122 -20.98 -6.70 -32.74
CA ASP B 122 -21.48 -7.62 -33.76
C ASP B 122 -21.28 -9.07 -33.33
N GLU B 123 -20.19 -9.35 -32.61
CA GLU B 123 -19.97 -10.68 -32.06
C GLU B 123 -21.11 -11.08 -31.13
N GLN B 124 -21.71 -10.10 -30.46
CA GLN B 124 -22.84 -10.37 -29.57
C GLN B 124 -24.16 -10.44 -30.31
N LEU B 125 -24.31 -9.71 -31.42
CA LEU B 125 -25.56 -9.79 -32.17
C LEU B 125 -25.66 -11.10 -32.94
N LYS B 126 -24.54 -11.56 -33.51
CA LYS B 126 -24.48 -12.91 -34.07
C LYS B 126 -24.91 -13.96 -33.04
N SER B 127 -24.79 -13.64 -31.76
CA SER B 127 -25.17 -14.56 -30.68
C SER B 127 -26.63 -14.45 -30.28
N GLY B 128 -27.30 -13.36 -30.62
CA GLY B 128 -28.73 -13.23 -30.39
C GLY B 128 -29.13 -12.33 -29.23
N THR B 129 -28.19 -11.78 -28.49
CA THR B 129 -28.46 -10.86 -27.40
C THR B 129 -27.91 -9.47 -27.74
N ALA B 130 -28.28 -8.49 -26.93
CA ALA B 130 -27.88 -7.10 -27.16
C ALA B 130 -27.62 -6.42 -25.82
N SER B 131 -26.42 -5.87 -25.68
CA SER B 131 -25.98 -5.21 -24.44
C SER B 131 -25.43 -3.84 -24.78
N VAL B 132 -26.11 -2.80 -24.32
CA VAL B 132 -25.64 -1.43 -24.48
C VAL B 132 -25.14 -0.93 -23.13
N VAL B 133 -24.02 -0.21 -23.15
CA VAL B 133 -23.30 0.14 -21.93
C VAL B 133 -23.04 1.63 -21.91
N CYS B 134 -23.46 2.29 -20.82
CA CYS B 134 -23.18 3.70 -20.58
C CYS B 134 -22.14 3.80 -19.48
N LEU B 135 -21.03 4.48 -19.76
CA LEU B 135 -19.90 4.56 -18.85
C LEU B 135 -19.79 5.96 -18.26
N LEU B 136 -19.61 6.03 -16.95
CA LEU B 136 -19.40 7.29 -16.23
C LEU B 136 -18.03 7.19 -15.58
N ASN B 137 -17.06 7.90 -16.13
CA ASN B 137 -15.67 7.77 -15.69
C ASN B 137 -15.22 8.98 -14.89
N ASN B 138 -14.54 8.71 -13.77
CA ASN B 138 -13.90 9.72 -12.95
C ASN B 138 -14.85 10.85 -12.55
N PHE B 139 -15.61 10.64 -11.48
CA PHE B 139 -16.50 11.67 -10.94
C PHE B 139 -16.46 11.61 -9.42
N TYR B 140 -16.83 12.73 -8.81
CA TYR B 140 -16.93 12.84 -7.37
C TYR B 140 -17.98 13.91 -7.10
N PRO B 141 -18.91 13.67 -6.17
CA PRO B 141 -19.03 12.54 -5.23
C PRO B 141 -19.57 11.24 -5.85
N ARG B 142 -19.86 10.23 -5.02
CA ARG B 142 -20.32 8.94 -5.52
C ARG B 142 -21.73 9.01 -6.08
N GLU B 143 -22.59 9.84 -5.50
CA GLU B 143 -23.99 9.92 -5.93
C GLU B 143 -24.10 10.34 -7.39
N ALA B 144 -24.96 9.65 -8.12
CA ALA B 144 -25.19 9.92 -9.53
C ALA B 144 -26.49 9.24 -9.95
N LYS B 145 -26.88 9.47 -11.20
CA LYS B 145 -28.08 8.84 -11.75
C LYS B 145 -27.95 8.73 -13.27
N VAL B 146 -28.25 7.55 -13.79
CA VAL B 146 -28.22 7.27 -15.22
C VAL B 146 -29.61 6.78 -15.63
N GLN B 147 -30.13 7.32 -16.73
CA GLN B 147 -31.43 6.93 -17.24
C GLN B 147 -31.33 6.67 -18.74
N TRP B 148 -31.98 5.60 -19.19
CA TRP B 148 -31.92 5.16 -20.56
C TRP B 148 -33.15 5.62 -21.34
N LYS B 149 -32.99 5.77 -22.65
CA LYS B 149 -34.09 6.10 -23.53
C LYS B 149 -33.83 5.49 -24.90
N VAL B 150 -34.83 4.79 -25.43
CA VAL B 150 -34.80 4.27 -26.78
C VAL B 150 -35.92 4.96 -27.55
N ASP B 151 -35.56 5.73 -28.57
CA ASP B 151 -36.51 6.57 -29.30
C ASP B 151 -37.25 7.51 -28.34
N ASN B 152 -36.51 8.00 -27.35
CA ASN B 152 -37.00 8.88 -26.28
C ASN B 152 -38.11 8.23 -25.46
N ALA B 153 -38.20 6.91 -25.47
CA ALA B 153 -39.07 6.20 -24.53
C ALA B 153 -38.24 5.83 -23.31
N LEU B 154 -38.60 6.38 -22.15
CA LEU B 154 -37.82 6.16 -20.93
C LEU B 154 -37.88 4.69 -20.53
N GLN B 155 -36.72 4.12 -20.24
CA GLN B 155 -36.61 2.69 -19.96
C GLN B 155 -36.73 2.41 -18.47
N SER B 156 -37.40 1.30 -18.14
CA SER B 156 -37.58 0.87 -16.77
C SER B 156 -37.31 -0.63 -16.70
N GLY B 157 -36.34 -1.03 -15.88
CA GLY B 157 -35.95 -2.41 -15.78
C GLY B 157 -35.04 -2.83 -16.92
N ASN B 158 -34.55 -4.08 -16.81
CA ASN B 158 -33.57 -4.63 -17.73
C ASN B 158 -32.40 -3.68 -17.92
N SER B 159 -31.97 -3.07 -16.82
CA SER B 159 -30.78 -2.23 -16.79
C SER B 159 -30.21 -2.31 -15.39
N GLN B 160 -28.94 -2.70 -15.30
CA GLN B 160 -28.27 -2.86 -14.02
C GLN B 160 -26.96 -2.08 -14.02
N GLU B 161 -26.54 -1.68 -12.82
CA GLU B 161 -25.42 -0.76 -12.66
C GLU B 161 -24.41 -1.30 -11.67
N SER B 162 -23.15 -0.91 -11.85
CA SER B 162 -22.06 -1.31 -10.98
C SER B 162 -21.13 -0.12 -10.81
N VAL B 163 -20.69 0.13 -9.58
CA VAL B 163 -19.84 1.27 -9.25
C VAL B 163 -18.56 0.76 -8.61
N THR B 164 -17.42 1.13 -9.18
CA THR B 164 -16.13 0.76 -8.62
C THR B 164 -15.86 1.53 -7.34
N GLU B 165 -14.82 1.10 -6.63
CA GLU B 165 -14.39 1.80 -5.43
C GLU B 165 -13.61 3.06 -5.82
N GLN B 166 -13.24 3.84 -4.80
CA GLN B 166 -12.45 5.05 -5.05
C GLN B 166 -11.10 4.69 -5.64
N ASP B 167 -10.81 5.27 -6.81
CA ASP B 167 -9.55 5.03 -7.50
C ASP B 167 -8.37 5.35 -6.57
N SER B 168 -7.32 4.52 -6.67
CA SER B 168 -6.21 4.65 -5.75
C SER B 168 -5.35 5.87 -6.03
N LYS B 169 -5.41 6.43 -7.24
CA LYS B 169 -4.58 7.55 -7.63
C LYS B 169 -5.29 8.90 -7.53
N ASP B 170 -6.60 8.96 -7.80
CA ASP B 170 -7.34 10.22 -7.78
C ASP B 170 -8.66 10.13 -7.02
N SER B 171 -8.87 9.07 -6.25
CA SER B 171 -10.01 8.93 -5.34
C SER B 171 -11.38 9.07 -6.03
N THR B 172 -11.42 9.02 -7.34
CA THR B 172 -12.66 9.23 -8.05
C THR B 172 -13.45 7.93 -8.20
N TYR B 173 -14.69 8.06 -8.62
CA TYR B 173 -15.59 6.94 -8.83
C TYR B 173 -15.84 6.73 -10.31
N SER B 174 -16.30 5.52 -10.64
CA SER B 174 -16.72 5.19 -12.00
C SER B 174 -17.92 4.26 -11.93
N LEU B 175 -18.85 4.44 -12.88
CA LEU B 175 -20.09 3.68 -12.92
C LEU B 175 -20.26 3.06 -14.30
N SER B 176 -20.86 1.87 -14.33
CA SER B 176 -21.25 1.21 -15.57
C SER B 176 -22.71 0.81 -15.45
N SER B 177 -23.57 1.45 -16.25
CA SER B 177 -24.97 1.09 -16.33
C SER B 177 -25.17 0.27 -17.60
N THR B 178 -25.60 -0.98 -17.43
CA THR B 178 -25.73 -1.92 -18.54
C THR B 178 -27.21 -2.18 -18.82
N LEU B 179 -27.64 -1.88 -20.03
CA LEU B 179 -29.00 -2.13 -20.48
C LEU B 179 -29.01 -3.30 -21.47
N THR B 180 -29.88 -4.28 -21.23
CA THR B 180 -29.88 -5.54 -21.96
C THR B 180 -31.28 -5.81 -22.49
N LEU B 181 -31.38 -6.16 -23.77
CA LEU B 181 -32.65 -6.45 -24.39
C LEU B 181 -32.44 -7.45 -25.52
N SER B 182 -33.56 -7.93 -26.06
CA SER B 182 -33.51 -8.90 -27.15
C SER B 182 -32.90 -8.29 -28.40
N LYS B 183 -32.17 -9.10 -29.16
CA LYS B 183 -31.76 -8.70 -30.49
C LYS B 183 -32.96 -8.25 -31.31
N ALA B 184 -34.05 -9.02 -31.23
CA ALA B 184 -35.29 -8.63 -31.90
C ALA B 184 -35.73 -7.24 -31.46
N ASP B 185 -35.81 -7.01 -30.15
CA ASP B 185 -36.22 -5.70 -29.65
C ASP B 185 -35.16 -4.64 -29.96
N TYR B 186 -33.90 -5.04 -30.09
CA TYR B 186 -32.83 -4.08 -30.39
C TYR B 186 -32.94 -3.56 -31.82
N GLU B 187 -33.20 -4.45 -32.77
CA GLU B 187 -33.40 -4.01 -34.15
C GLU B 187 -34.70 -3.23 -34.29
N LYS B 188 -35.68 -3.51 -33.44
CA LYS B 188 -36.99 -2.88 -33.53
C LYS B 188 -36.99 -1.42 -33.11
N HIS B 189 -35.84 -0.84 -32.75
CA HIS B 189 -35.78 0.54 -32.29
C HIS B 189 -34.56 1.21 -32.90
N LYS B 190 -34.58 2.55 -32.90
CA LYS B 190 -33.69 3.34 -33.76
C LYS B 190 -32.58 4.01 -32.98
N VAL B 191 -32.88 4.97 -32.10
CA VAL B 191 -31.87 5.76 -31.42
C VAL B 191 -31.84 5.40 -29.94
N TYR B 192 -30.64 5.34 -29.38
CA TYR B 192 -30.43 4.97 -27.98
C TYR B 192 -29.60 6.05 -27.29
N ALA B 193 -30.01 6.43 -26.08
CA ALA B 193 -29.36 7.50 -25.34
C ALA B 193 -29.44 7.23 -23.85
N CYS B 194 -28.37 7.56 -23.12
CA CYS B 194 -28.33 7.48 -21.66
C CYS B 194 -28.11 8.87 -21.09
N GLU B 195 -28.99 9.27 -20.18
CA GLU B 195 -28.92 10.58 -19.53
C GLU B 195 -28.19 10.44 -18.19
N VAL B 196 -27.16 11.25 -18.00
CA VAL B 196 -26.32 11.20 -16.81
C VAL B 196 -26.53 12.48 -16.01
N THR B 197 -26.91 12.34 -14.74
CA THR B 197 -27.07 13.48 -13.86
C THR B 197 -26.12 13.32 -12.68
N HIS B 198 -25.41 14.39 -12.37
CA HIS B 198 -24.38 14.38 -11.35
C HIS B 198 -24.18 15.82 -10.89
N GLN B 199 -24.09 16.03 -9.58
CA GLN B 199 -24.04 17.39 -9.04
C GLN B 199 -22.87 18.19 -9.61
N GLY B 200 -21.87 17.54 -10.17
CA GLY B 200 -20.82 18.22 -10.90
C GLY B 200 -21.18 18.64 -12.30
N LEU B 201 -22.46 18.62 -12.66
CA LEU B 201 -22.92 19.03 -13.98
C LEU B 201 -24.02 20.07 -13.82
N SER B 202 -23.97 21.10 -14.66
CA SER B 202 -24.93 22.19 -14.53
C SER B 202 -26.31 21.80 -15.06
N SER B 203 -26.36 20.82 -15.95
CA SER B 203 -27.62 20.30 -16.47
C SER B 203 -27.37 18.86 -16.92
N PRO B 204 -28.43 18.07 -17.11
CA PRO B 204 -28.24 16.70 -17.58
C PRO B 204 -27.42 16.64 -18.86
N VAL B 205 -26.58 15.61 -18.97
CA VAL B 205 -25.76 15.37 -20.14
C VAL B 205 -26.15 14.02 -20.73
N THR B 206 -26.16 13.93 -22.05
CA THR B 206 -26.65 12.75 -22.74
C THR B 206 -25.73 12.37 -23.90
N LYS B 207 -25.33 11.11 -23.94
CA LYS B 207 -24.61 10.54 -25.08
C LYS B 207 -25.53 9.53 -25.77
N SER B 208 -25.43 9.46 -27.10
CA SER B 208 -26.43 8.72 -27.87
C SER B 208 -25.85 8.22 -29.19
N PHE B 209 -26.54 7.26 -29.78
CA PHE B 209 -26.21 6.75 -31.11
C PHE B 209 -27.48 6.29 -31.80
N ASN B 210 -27.35 5.88 -33.07
CA ASN B 210 -28.50 5.50 -33.89
C ASN B 210 -28.12 4.28 -34.74
N ARG B 211 -28.56 3.11 -34.30
CA ARG B 211 -28.44 1.88 -35.08
C ARG B 211 -29.56 0.94 -34.68
N GLY B 212 -29.73 -0.12 -35.46
CA GLY B 212 -30.69 -1.16 -35.11
C GLY B 212 -31.61 -1.56 -36.24
N VAL C 2 -0.38 14.62 18.72
CA VAL C 2 1.02 14.86 19.02
C VAL C 2 1.85 14.91 17.73
N GLN C 3 2.62 15.99 17.59
CA GLN C 3 3.53 16.17 16.47
C GLN C 3 4.84 16.76 16.97
N LEU C 4 5.88 16.59 16.16
CA LEU C 4 7.18 17.22 16.39
C LEU C 4 7.63 17.77 15.03
N VAL C 5 7.69 19.08 14.91
CA VAL C 5 7.92 19.74 13.62
C VAL C 5 9.30 20.37 13.64
N GLN C 6 10.19 19.86 12.78
CA GLN C 6 11.57 20.32 12.71
C GLN C 6 11.71 21.42 11.67
N SER C 7 12.81 22.16 11.78
CA SER C 7 13.15 23.15 10.77
C SER C 7 13.57 22.46 9.48
N GLY C 8 13.39 23.16 8.36
CA GLY C 8 13.75 22.64 7.07
C GLY C 8 15.25 22.48 6.90
N ALA C 9 15.62 21.99 5.71
CA ALA C 9 16.98 21.60 5.43
C ALA C 9 17.95 22.78 5.53
N GLU C 10 19.23 22.46 5.69
CA GLU C 10 20.29 23.44 5.78
C GLU C 10 21.51 22.96 4.99
N VAL C 11 22.19 23.90 4.34
CA VAL C 11 23.49 23.65 3.73
C VAL C 11 24.51 24.54 4.42
N LYS C 12 25.63 23.96 4.84
CA LYS C 12 26.63 24.67 5.61
C LYS C 12 28.01 24.45 5.04
N LYS C 13 28.82 25.50 5.07
CA LYS C 13 30.22 25.37 4.74
C LYS C 13 30.97 24.72 5.90
N PRO C 14 32.03 23.98 5.62
CA PRO C 14 32.80 23.35 6.69
C PRO C 14 33.28 24.38 7.71
N GLY C 15 33.13 24.05 8.99
CA GLY C 15 33.49 24.96 10.06
C GLY C 15 32.38 25.89 10.49
N ALA C 16 31.24 25.89 9.82
CA ALA C 16 30.12 26.73 10.20
C ALA C 16 29.31 26.03 11.30
N SER C 17 28.18 26.61 11.67
CA SER C 17 27.29 26.03 12.67
C SER C 17 25.89 25.94 12.11
N VAL C 18 25.13 24.97 12.61
CA VAL C 18 23.72 24.81 12.29
C VAL C 18 22.94 24.71 13.59
N LYS C 19 21.75 25.31 13.60
CA LYS C 19 20.86 25.28 14.75
C LYS C 19 19.54 24.67 14.27
N VAL C 20 19.33 23.38 14.58
CA VAL C 20 18.12 22.69 14.18
C VAL C 20 17.09 22.84 15.30
N SER C 21 15.84 23.11 14.92
CA SER C 21 14.77 23.36 15.88
C SER C 21 13.71 22.26 15.80
N CYS C 22 13.04 22.01 16.93
CA CYS C 22 12.04 20.96 17.05
C CYS C 22 10.91 21.47 17.92
N LYS C 23 9.75 21.74 17.32
CA LYS C 23 8.62 22.32 18.02
C LYS C 23 7.56 21.25 18.28
N ALA C 24 7.13 21.14 19.54
CA ALA C 24 6.24 20.09 19.96
C ALA C 24 4.80 20.61 20.11
N SER C 25 3.85 19.69 20.02
CA SER C 25 2.44 20.03 20.15
C SER C 25 1.67 18.77 20.47
N GLY C 26 0.63 18.92 21.28
CA GLY C 26 -0.24 17.82 21.62
C GLY C 26 0.01 17.15 22.95
N TYR C 27 0.85 17.73 23.80
CA TYR C 27 1.19 17.15 25.09
C TYR C 27 1.99 18.19 25.88
N THR C 28 2.04 18.00 27.19
CA THR C 28 2.80 18.88 28.05
C THR C 28 4.28 18.86 27.67
N PHE C 29 4.75 19.96 27.08
CA PHE C 29 6.12 20.00 26.58
C PHE C 29 7.15 19.80 27.70
N THR C 30 6.87 20.35 28.88
CA THR C 30 7.81 20.34 29.99
C THR C 30 7.83 19.03 30.78
N ASN C 31 7.17 17.99 30.29
CA ASN C 31 7.06 16.74 31.05
C ASN C 31 7.93 15.62 30.49
N TYR C 32 8.61 15.82 29.36
CA TYR C 32 9.32 14.73 28.72
C TYR C 32 10.53 15.25 27.99
N ASP C 33 11.62 14.47 28.02
CA ASP C 33 12.84 14.82 27.31
C ASP C 33 12.62 14.84 25.80
N ILE C 34 13.48 15.58 25.12
CA ILE C 34 13.61 15.54 23.66
C ILE C 34 14.96 14.95 23.34
N ASN C 35 14.97 13.84 22.60
CA ASN C 35 16.21 13.22 22.17
C ASN C 35 16.47 13.57 20.70
N TRP C 36 17.74 13.67 20.35
CA TRP C 36 18.17 13.96 18.99
C TRP C 36 19.03 12.82 18.46
N VAL C 37 18.74 12.39 17.23
CA VAL C 37 19.44 11.28 16.57
C VAL C 37 19.70 11.69 15.13
N ARG C 38 20.83 11.25 14.57
CA ARG C 38 21.17 11.59 13.20
C ARG C 38 21.56 10.33 12.43
N GLN C 39 21.44 10.42 11.10
CA GLN C 39 21.74 9.31 10.21
C GLN C 39 22.50 9.83 9.00
N ALA C 40 23.80 9.54 8.96
CA ALA C 40 24.60 9.85 7.77
C ALA C 40 24.09 9.03 6.59
N PRO C 41 24.23 9.53 5.36
CA PRO C 41 23.58 8.89 4.21
C PRO C 41 23.98 7.43 4.05
N GLY C 42 22.97 6.57 3.96
CA GLY C 42 23.23 5.14 3.80
C GLY C 42 23.90 4.49 4.98
N GLN C 43 23.78 5.08 6.16
CA GLN C 43 24.44 4.59 7.36
C GLN C 43 23.40 4.18 8.40
N GLY C 44 23.89 3.92 9.62
CA GLY C 44 23.05 3.59 10.75
C GLY C 44 22.71 4.82 11.56
N LEU C 45 22.27 4.58 12.80
CA LEU C 45 21.77 5.63 13.68
C LEU C 45 22.78 5.96 14.78
N GLU C 46 22.88 7.25 15.08
CA GLU C 46 23.81 7.76 16.09
C GLU C 46 23.06 8.72 17.01
N TRP C 47 23.30 8.59 18.31
CA TRP C 47 22.65 9.44 19.31
C TRP C 47 23.51 10.66 19.58
N ILE C 48 22.85 11.82 19.70
CA ILE C 48 23.53 13.09 19.90
C ILE C 48 23.36 13.60 21.33
N GLY C 49 22.14 13.52 21.87
CA GLY C 49 21.90 13.97 23.22
C GLY C 49 20.42 14.09 23.50
N TRP C 50 20.10 14.61 24.68
CA TRP C 50 18.74 15.00 25.01
C TRP C 50 18.74 16.25 25.87
N ILE C 51 17.55 16.82 26.03
CA ILE C 51 17.30 17.96 26.91
C ILE C 51 16.00 17.71 27.63
N PHE C 52 15.98 18.03 28.92
CA PHE C 52 14.74 18.04 29.68
C PHE C 52 14.17 19.45 29.62
N PRO C 53 13.06 19.68 28.93
CA PRO C 53 12.53 21.06 28.80
C PRO C 53 12.08 21.67 30.11
N GLY C 54 11.67 20.86 31.08
CA GLY C 54 11.21 21.40 32.36
C GLY C 54 12.29 22.06 33.18
N GLU C 55 13.55 21.69 32.96
CA GLU C 55 14.65 22.23 33.73
C GLU C 55 15.82 22.74 32.90
N GLY C 56 15.87 22.42 31.61
CA GLY C 56 16.99 22.81 30.77
C GLY C 56 18.21 21.92 30.88
N SER C 57 18.16 20.90 31.73
CA SER C 57 19.30 19.99 31.88
C SER C 57 19.50 19.16 30.62
N THR C 58 20.75 18.78 30.37
CA THR C 58 21.11 18.10 29.13
C THR C 58 22.11 16.99 29.42
N LYS C 59 22.15 16.02 28.51
CA LYS C 59 23.18 14.99 28.48
C LYS C 59 23.58 14.79 27.03
N TYR C 60 24.87 14.86 26.74
CA TYR C 60 25.36 14.79 25.37
C TYR C 60 26.13 13.50 25.11
N ASN C 61 26.29 13.19 23.83
CA ASN C 61 27.25 12.19 23.40
C ASN C 61 28.64 12.80 23.43
N GLU C 62 29.59 12.12 24.07
CA GLU C 62 30.90 12.71 24.26
C GLU C 62 31.62 12.93 22.94
N LYS C 63 31.24 12.20 21.89
CA LYS C 63 31.77 12.41 20.54
C LYS C 63 31.65 13.88 20.13
N PHE C 64 30.63 14.57 20.63
CA PHE C 64 30.33 15.94 20.24
C PHE C 64 30.56 16.95 21.36
N LYS C 65 31.10 16.51 22.51
CA LYS C 65 31.34 17.42 23.61
C LYS C 65 32.19 18.60 23.15
N GLY C 66 31.73 19.81 23.47
CA GLY C 66 32.36 21.02 22.97
C GLY C 66 31.89 21.45 21.59
N ARG C 67 31.22 20.58 20.85
CA ARG C 67 30.67 20.93 19.54
C ARG C 67 29.16 21.06 19.53
N VAL C 68 28.46 20.39 20.44
CA VAL C 68 27.01 20.35 20.48
C VAL C 68 26.53 21.09 21.72
N THR C 69 25.40 21.78 21.59
CA THR C 69 24.76 22.46 22.70
C THR C 69 23.26 22.48 22.45
N MET C 70 22.50 22.11 23.47
CA MET C 70 21.05 21.98 23.35
C MET C 70 20.36 22.95 24.30
N THR C 71 19.32 23.59 23.80
CA THR C 71 18.56 24.59 24.54
C THR C 71 17.08 24.39 24.23
N ARG C 72 16.23 25.11 24.95
CA ARG C 72 14.80 25.04 24.68
C ARG C 72 14.14 26.36 25.04
N ASP C 73 13.06 26.66 24.33
CA ASP C 73 12.21 27.81 24.61
C ASP C 73 10.84 27.26 24.96
N THR C 74 10.52 27.24 26.26
CA THR C 74 9.27 26.63 26.69
C THR C 74 8.06 27.47 26.23
N SER C 75 8.21 28.79 26.13
CA SER C 75 7.10 29.64 25.75
C SER C 75 6.56 29.32 24.36
N ILE C 76 7.35 28.67 23.51
CA ILE C 76 6.92 28.32 22.16
C ILE C 76 7.15 26.84 21.90
N SER C 77 7.34 26.06 22.97
CA SER C 77 7.41 24.60 22.92
C SER C 77 8.40 24.11 21.87
N THR C 78 9.63 24.61 21.95
CA THR C 78 10.62 24.33 20.91
C THR C 78 11.96 23.95 21.55
N ALA C 79 12.55 22.88 21.03
CA ALA C 79 13.88 22.44 21.41
C ALA C 79 14.86 22.72 20.28
N TYR C 80 16.10 23.04 20.64
CA TYR C 80 17.12 23.41 19.68
C TYR C 80 18.34 22.52 19.80
N MET C 81 19.03 22.32 18.68
CA MET C 81 20.24 21.49 18.63
C MET C 81 21.24 22.23 17.76
N GLU C 82 22.33 22.70 18.37
CA GLU C 82 23.35 23.47 17.65
C GLU C 82 24.63 22.66 17.59
N LEU C 83 24.97 22.19 16.39
CA LEU C 83 26.23 21.50 16.14
C LEU C 83 27.20 22.47 15.50
N SER C 84 28.38 22.61 16.09
CA SER C 84 29.34 23.64 15.68
C SER C 84 30.58 23.00 15.05
N ARG C 85 31.33 23.85 14.34
CA ARG C 85 32.56 23.44 13.67
C ARG C 85 32.32 22.22 12.78
N LEU C 86 31.36 22.39 11.86
CA LEU C 86 30.82 21.27 11.10
C LEU C 86 31.88 20.61 10.23
N ARG C 87 31.87 19.29 10.21
CA ARG C 87 32.69 18.48 9.33
C ARG C 87 31.82 17.84 8.26
N SER C 88 32.49 17.24 7.29
CA SER C 88 31.79 16.57 6.20
C SER C 88 30.89 15.45 6.71
N ASP C 89 31.42 14.63 7.62
CA ASP C 89 30.65 13.49 8.12
C ASP C 89 29.52 13.89 9.06
N ASP C 90 29.34 15.18 9.33
CA ASP C 90 28.11 15.63 9.95
C ASP C 90 26.96 15.70 8.96
N THR C 91 27.25 15.59 7.66
CA THR C 91 26.21 15.49 6.65
C THR C 91 25.28 14.32 6.97
N ALA C 92 24.07 14.63 7.41
CA ALA C 92 23.17 13.59 7.91
C ALA C 92 21.76 14.17 7.99
N VAL C 93 20.79 13.27 8.12
CA VAL C 93 19.42 13.64 8.46
C VAL C 93 19.32 13.64 9.97
N TYR C 94 18.93 14.76 10.54
CA TYR C 94 18.84 14.89 11.99
C TYR C 94 17.39 14.80 12.42
N TYR C 95 17.14 13.99 13.44
CA TYR C 95 15.81 13.73 13.95
C TYR C 95 15.74 14.11 15.43
N CYS C 96 14.62 14.70 15.82
CA CYS C 96 14.25 14.80 17.23
C CYS C 96 13.17 13.77 17.52
N ALA C 97 13.07 13.40 18.80
CA ALA C 97 12.11 12.37 19.18
C ALA C 97 11.80 12.48 20.65
N THR C 98 10.60 12.03 21.01
CA THR C 98 10.19 11.94 22.40
C THR C 98 9.32 10.69 22.56
N GLU C 99 9.13 10.29 23.81
CA GLU C 99 8.31 9.13 24.12
C GLU C 99 7.43 9.47 25.31
N LEU C 100 6.12 9.26 25.16
CA LEU C 100 5.15 9.50 26.23
C LEU C 100 4.54 8.19 26.69
N VAL C 101 3.98 8.22 27.90
CA VAL C 101 3.19 7.11 28.43
C VAL C 101 1.81 7.63 28.77
N LYS C 102 0.78 6.93 28.29
CA LYS C 102 -0.60 7.21 28.62
C LYS C 102 -1.36 5.89 28.62
N ASP C 103 -2.07 5.62 29.72
CA ASP C 103 -2.85 4.39 29.87
C ASP C 103 -1.99 3.14 29.69
N TYR C 104 -0.87 3.10 30.41
CA TYR C 104 0.07 1.98 30.41
C TYR C 104 0.69 1.71 29.05
N TYR C 105 0.49 2.60 28.08
CA TYR C 105 1.07 2.45 26.75
C TYR C 105 2.22 3.44 26.60
N ALA C 106 3.41 2.92 26.29
CA ALA C 106 4.51 3.78 25.86
C ALA C 106 4.35 4.08 24.38
N MET C 107 4.56 5.34 24.02
CA MET C 107 4.32 5.82 22.67
C MET C 107 5.45 6.73 22.23
N ASP C 108 6.01 6.44 21.07
CA ASP C 108 7.13 7.19 20.52
C ASP C 108 6.65 8.14 19.42
N TYR C 109 7.33 9.28 19.31
CA TYR C 109 7.04 10.25 18.27
C TYR C 109 8.34 10.82 17.75
N TRP C 110 8.33 11.19 16.47
CA TRP C 110 9.54 11.62 15.77
C TRP C 110 9.24 12.83 14.91
N GLY C 111 10.22 13.72 14.80
CA GLY C 111 10.15 14.79 13.83
C GLY C 111 10.32 14.25 12.41
N GLN C 112 10.00 15.11 11.44
CA GLN C 112 10.05 14.66 10.06
C GLN C 112 11.48 14.55 9.54
N GLY C 113 12.46 15.07 10.26
CA GLY C 113 13.84 15.01 9.83
C GLY C 113 14.30 16.32 9.22
N THR C 114 15.60 16.60 9.39
CA THR C 114 16.22 17.81 8.85
C THR C 114 17.53 17.43 8.21
N LEU C 115 17.60 17.52 6.88
CA LEU C 115 18.85 17.32 6.17
C LEU C 115 19.79 18.50 6.45
N VAL C 116 21.00 18.19 6.89
CA VAL C 116 22.06 19.18 7.03
C VAL C 116 23.20 18.71 6.14
N THR C 117 23.40 19.43 5.02
CA THR C 117 24.50 19.11 4.11
C THR C 117 25.68 20.01 4.41
N VAL C 118 26.82 19.40 4.73
CA VAL C 118 28.05 20.13 4.99
C VAL C 118 28.98 19.87 3.82
N SER C 119 29.31 20.93 3.09
CA SER C 119 30.16 20.83 1.92
C SER C 119 30.59 22.22 1.49
N SER C 120 31.76 22.30 0.88
CA SER C 120 32.24 23.54 0.31
C SER C 120 31.58 23.86 -1.02
N ALA C 121 30.78 22.96 -1.56
CA ALA C 121 30.09 23.20 -2.81
C ALA C 121 29.08 24.34 -2.67
N SER C 122 28.77 24.97 -3.79
CA SER C 122 27.71 25.96 -3.88
C SER C 122 26.49 25.33 -4.55
N THR C 123 25.31 25.82 -4.19
CA THR C 123 24.08 25.33 -4.78
C THR C 123 24.12 25.52 -6.30
N LYS C 124 23.59 24.54 -7.03
CA LYS C 124 23.68 24.50 -8.47
C LYS C 124 22.67 23.54 -9.07
N GLY C 125 21.82 24.04 -9.95
CA GLY C 125 20.83 23.22 -10.62
C GLY C 125 21.49 22.18 -11.52
N PRO C 126 20.81 21.07 -11.75
CA PRO C 126 21.40 19.98 -12.53
C PRO C 126 21.23 20.19 -14.02
N SER C 127 22.14 19.55 -14.77
CA SER C 127 21.99 19.42 -16.22
C SER C 127 21.31 18.11 -16.53
N VAL C 128 20.41 18.14 -17.51
CA VAL C 128 19.53 17.01 -17.80
C VAL C 128 19.75 16.62 -19.26
N PHE C 129 20.29 15.42 -19.48
CA PHE C 129 20.67 14.96 -20.80
C PHE C 129 19.84 13.74 -21.18
N PRO C 130 19.21 13.77 -22.36
CA PRO C 130 18.32 12.65 -22.75
C PRO C 130 19.12 11.40 -23.07
N LEU C 131 18.80 10.31 -22.37
CA LEU C 131 19.34 8.98 -22.68
C LEU C 131 18.41 8.37 -23.73
N ALA C 132 18.76 8.58 -25.00
CA ALA C 132 17.92 8.13 -26.09
C ALA C 132 18.00 6.61 -26.26
N PRO C 133 16.91 5.98 -26.74
CA PRO C 133 16.86 4.54 -26.98
C PRO C 133 18.01 4.03 -27.84
N THR C 142 8.93 -3.43 -26.61
CA THR C 142 9.34 -2.87 -25.33
C THR C 142 10.78 -2.35 -25.40
N ALA C 143 10.96 -1.08 -25.09
CA ALA C 143 12.26 -0.42 -25.12
C ALA C 143 12.45 0.34 -23.81
N ALA C 144 13.68 0.80 -23.58
CA ALA C 144 14.01 1.57 -22.38
C ALA C 144 14.69 2.86 -22.79
N LEU C 145 14.04 3.98 -22.51
CA LEU C 145 14.64 5.30 -22.65
C LEU C 145 14.95 5.85 -21.26
N GLY C 146 15.84 6.83 -21.22
CA GLY C 146 16.32 7.32 -19.94
C GLY C 146 16.47 8.82 -19.83
N CYS C 147 17.14 9.27 -18.77
CA CYS C 147 17.28 10.68 -18.44
C CYS C 147 18.37 10.84 -17.37
N LEU C 148 19.41 11.61 -17.67
CA LEU C 148 20.55 11.78 -16.77
C LEU C 148 20.45 13.12 -16.07
N VAL C 149 20.43 13.10 -14.74
CA VAL C 149 20.39 14.29 -13.91
C VAL C 149 21.76 14.41 -13.25
N LYS C 150 22.60 15.31 -13.75
CA LYS C 150 24.01 15.34 -13.40
C LYS C 150 24.41 16.70 -12.84
N ASP C 151 25.31 16.66 -11.85
CA ASP C 151 26.00 17.84 -11.34
C ASP C 151 25.01 18.84 -10.71
N TYR C 152 24.39 18.39 -9.62
CA TYR C 152 23.54 19.25 -8.82
C TYR C 152 24.00 19.23 -7.37
N PHE C 153 23.67 20.31 -6.66
CA PHE C 153 23.98 20.42 -5.25
C PHE C 153 22.99 21.41 -4.64
N PRO C 154 22.40 21.08 -3.49
CA PRO C 154 22.55 19.83 -2.75
C PRO C 154 21.49 18.82 -3.18
N GLU C 155 21.36 17.73 -2.44
CA GLU C 155 20.21 16.87 -2.59
C GLU C 155 18.97 17.58 -2.04
N PRO C 156 17.77 17.22 -2.51
CA PRO C 156 17.45 16.21 -3.52
C PRO C 156 16.91 16.74 -4.84
N VAL C 157 16.93 15.94 -5.89
CA VAL C 157 16.13 16.22 -7.09
C VAL C 157 14.96 15.25 -7.12
N THR C 158 13.99 15.56 -7.96
CA THR C 158 12.82 14.71 -8.18
C THR C 158 12.64 14.56 -9.68
N VAL C 159 12.51 13.32 -10.16
CA VAL C 159 12.27 13.05 -11.56
C VAL C 159 10.84 12.54 -11.73
N SER C 160 10.13 13.14 -12.67
CA SER C 160 8.78 12.72 -13.02
C SER C 160 8.68 12.54 -14.53
N TRP C 161 7.83 11.62 -14.97
CA TRP C 161 7.66 11.29 -16.37
C TRP C 161 6.22 11.57 -16.77
N ASN C 162 6.03 12.60 -17.59
CA ASN C 162 4.71 12.96 -18.12
C ASN C 162 3.70 13.23 -17.00
N ALA C 165 2.33 11.54 -14.80
CA ALA C 165 1.30 10.63 -15.30
C ALA C 165 1.84 9.20 -15.36
N LEU C 166 2.77 8.96 -16.28
CA LEU C 166 3.32 7.62 -16.47
C LEU C 166 4.19 7.24 -15.27
N THR C 167 3.77 6.18 -14.56
CA THR C 167 4.56 5.61 -13.48
C THR C 167 4.82 4.13 -13.66
N SER C 168 4.48 3.57 -14.83
CA SER C 168 4.68 2.14 -15.07
C SER C 168 6.10 1.88 -15.55
N GLY C 169 6.79 0.97 -14.86
CA GLY C 169 8.15 0.58 -15.22
C GLY C 169 9.25 1.56 -14.90
N VAL C 170 8.98 2.59 -14.09
CA VAL C 170 9.94 3.66 -13.88
C VAL C 170 10.90 3.29 -12.75
N HIS C 171 12.17 3.61 -12.92
CA HIS C 171 13.19 3.40 -11.90
C HIS C 171 14.01 4.68 -11.78
N THR C 172 14.05 5.27 -10.57
CA THR C 172 14.87 6.44 -10.30
C THR C 172 15.94 6.07 -9.28
N PHE C 173 17.19 6.07 -9.72
CA PHE C 173 18.27 5.52 -8.93
C PHE C 173 18.69 6.46 -7.81
N PRO C 174 19.31 5.93 -6.75
CA PRO C 174 19.81 6.80 -5.69
C PRO C 174 20.94 7.69 -6.19
N ALA C 175 20.97 8.91 -5.67
CA ALA C 175 22.03 9.83 -6.01
C ALA C 175 23.37 9.28 -5.54
N VAL C 176 24.43 9.69 -6.22
CA VAL C 176 25.79 9.38 -5.81
C VAL C 176 26.57 10.69 -5.76
N LEU C 177 27.43 10.82 -4.76
CA LEU C 177 28.27 12.01 -4.59
C LEU C 177 29.56 11.80 -5.37
N GLN C 178 29.70 12.52 -6.48
CA GLN C 178 30.89 12.40 -7.31
C GLN C 178 32.07 13.08 -6.62
N SER C 179 33.25 12.95 -7.24
CA SER C 179 34.45 13.57 -6.71
C SER C 179 34.46 15.08 -6.89
N SER C 180 33.51 15.63 -7.64
CA SER C 180 33.44 17.07 -7.86
C SER C 180 32.58 17.79 -6.84
N GLY C 181 32.25 17.12 -5.73
CA GLY C 181 31.34 17.69 -4.75
C GLY C 181 29.89 17.72 -5.14
N LEU C 182 29.57 17.48 -6.42
CA LEU C 182 28.20 17.51 -6.93
C LEU C 182 27.65 16.10 -7.08
N TYR C 183 26.32 16.01 -7.06
CA TYR C 183 25.63 14.73 -7.10
C TYR C 183 25.23 14.36 -8.52
N SER C 184 24.75 13.12 -8.69
CA SER C 184 24.29 12.64 -9.98
C SER C 184 23.44 11.40 -9.79
N LEU C 185 22.51 11.21 -10.72
CA LEU C 185 21.67 10.02 -10.77
C LEU C 185 21.03 9.95 -12.16
N SER C 186 20.32 8.86 -12.42
CA SER C 186 19.65 8.69 -13.69
C SER C 186 18.31 7.98 -13.48
N SER C 187 17.36 8.32 -14.35
CA SER C 187 16.00 7.80 -14.26
C SER C 187 15.62 7.15 -15.59
N VAL C 188 15.09 5.93 -15.52
CA VAL C 188 14.84 5.12 -16.70
C VAL C 188 13.39 4.64 -16.72
N VAL C 189 12.93 4.30 -17.92
CA VAL C 189 11.58 3.85 -18.17
C VAL C 189 11.65 2.64 -19.09
N THR C 190 10.65 1.76 -18.99
CA THR C 190 10.46 0.66 -19.92
C THR C 190 9.10 0.84 -20.59
N VAL C 191 9.11 1.22 -21.87
CA VAL C 191 7.90 1.56 -22.62
C VAL C 191 7.89 0.73 -23.89
N PRO C 192 6.73 0.45 -24.49
CA PRO C 192 6.73 -0.26 -25.77
C PRO C 192 7.43 0.53 -26.87
N SER C 193 8.23 -0.20 -27.66
CA SER C 193 8.93 0.42 -28.79
C SER C 193 7.96 0.84 -29.88
N SER C 194 6.80 0.18 -29.98
CA SER C 194 5.78 0.60 -30.92
C SER C 194 5.14 1.92 -30.52
N SER C 195 5.25 2.31 -29.26
CA SER C 195 4.73 3.59 -28.80
C SER C 195 5.65 4.76 -29.12
N LEU C 196 6.91 4.48 -29.50
CA LEU C 196 7.85 5.55 -29.78
C LEU C 196 7.40 6.42 -30.95
N GLY C 197 6.43 5.96 -31.74
CA GLY C 197 5.99 6.74 -32.88
C GLY C 197 5.19 7.97 -32.49
N THR C 198 4.15 7.78 -31.68
CA THR C 198 3.21 8.85 -31.37
C THR C 198 3.18 9.22 -29.89
N GLN C 199 4.11 8.72 -29.08
CA GLN C 199 4.11 9.00 -27.65
C GLN C 199 5.30 9.84 -27.24
N THR C 200 5.06 10.76 -26.30
CA THR C 200 6.06 11.67 -25.79
C THR C 200 6.69 11.13 -24.52
N TYR C 201 7.97 11.45 -24.31
CA TYR C 201 8.73 10.93 -23.17
C TYR C 201 9.52 12.08 -22.55
N ILE C 202 8.88 12.81 -21.64
CA ILE C 202 9.45 13.98 -21.00
C ILE C 202 9.77 13.66 -19.56
N CYS C 203 11.02 13.88 -19.14
CA CYS C 203 11.43 13.71 -17.75
C CYS C 203 11.41 15.08 -17.06
N ASN C 204 10.50 15.25 -16.12
CA ASN C 204 10.36 16.49 -15.35
C ASN C 204 11.27 16.38 -14.14
N VAL C 205 12.41 17.07 -14.19
CA VAL C 205 13.34 17.13 -13.08
C VAL C 205 13.18 18.47 -12.37
N ASN C 206 13.02 18.42 -11.05
CA ASN C 206 12.80 19.61 -10.23
C ASN C 206 13.88 19.68 -9.16
N HIS C 207 14.66 20.75 -9.18
CA HIS C 207 15.64 21.02 -8.13
C HIS C 207 15.10 22.16 -7.27
N LYS C 208 14.32 21.79 -6.25
CA LYS C 208 13.82 22.78 -5.32
C LYS C 208 14.92 23.61 -4.65
N PRO C 209 16.08 23.06 -4.23
CA PRO C 209 17.08 23.93 -3.58
C PRO C 209 17.59 25.07 -4.45
N SER C 210 17.58 24.94 -5.77
CA SER C 210 17.97 26.05 -6.65
C SER C 210 16.77 26.60 -7.41
N ASN C 211 15.55 26.24 -7.01
CA ASN C 211 14.33 26.70 -7.66
C ASN C 211 14.40 26.48 -9.17
N THR C 212 14.79 25.27 -9.54
CA THR C 212 15.00 24.89 -10.93
C THR C 212 14.06 23.75 -11.31
N LYS C 213 13.51 23.82 -12.52
CA LYS C 213 12.66 22.76 -13.05
C LYS C 213 12.98 22.59 -14.53
N VAL C 214 13.43 21.40 -14.92
CA VAL C 214 13.94 21.15 -16.26
C VAL C 214 13.17 19.98 -16.85
N ASP C 215 12.44 20.24 -17.93
CA ASP C 215 11.69 19.22 -18.66
C ASP C 215 12.50 18.81 -19.89
N LYS C 216 13.15 17.66 -19.81
CA LYS C 216 14.02 17.21 -20.89
C LYS C 216 13.30 16.21 -21.79
N ARG C 217 13.78 16.13 -23.03
CA ARG C 217 13.11 15.45 -24.14
C ARG C 217 11.61 15.75 -24.15
N ASP D 1 30.88 3.74 24.00
CA ASP D 1 31.62 2.91 24.94
C ASP D 1 31.08 1.48 24.96
N ILE D 2 29.79 1.32 24.73
CA ILE D 2 29.15 0.01 24.69
C ILE D 2 28.74 -0.29 23.25
N GLN D 3 29.33 -1.33 22.68
CA GLN D 3 29.08 -1.70 21.29
C GLN D 3 27.93 -2.70 21.23
N MET D 4 26.93 -2.41 20.41
CA MET D 4 25.86 -3.35 20.11
C MET D 4 26.17 -4.02 18.77
N THR D 5 26.48 -5.31 18.82
CA THR D 5 26.79 -6.10 17.63
C THR D 5 25.52 -6.80 17.17
N GLN D 6 25.10 -6.52 15.95
CA GLN D 6 23.79 -6.92 15.45
C GLN D 6 23.95 -7.80 14.22
N SER D 7 23.33 -8.96 14.23
CA SER D 7 23.55 -9.98 13.21
C SER D 7 22.24 -10.72 12.97
N PRO D 8 21.97 -11.12 11.71
CA PRO D 8 22.80 -10.95 10.52
C PRO D 8 22.77 -9.50 10.03
N SER D 9 23.77 -9.07 9.25
CA SER D 9 23.70 -7.74 8.66
C SER D 9 22.59 -7.69 7.61
N SER D 10 22.43 -8.75 6.83
CA SER D 10 21.39 -8.85 5.82
C SER D 10 20.66 -10.18 6.00
N LEU D 11 19.42 -10.21 5.51
CA LEU D 11 18.59 -11.40 5.63
C LEU D 11 17.49 -11.34 4.58
N SER D 12 17.36 -12.42 3.80
CA SER D 12 16.28 -12.58 2.85
C SER D 12 15.29 -13.62 3.37
N ALA D 13 14.01 -13.32 3.26
CA ALA D 13 12.97 -14.20 3.77
C ALA D 13 11.71 -14.00 2.95
N SER D 14 10.65 -14.69 3.34
CA SER D 14 9.38 -14.68 2.64
C SER D 14 8.27 -14.38 3.63
N VAL D 15 7.10 -14.02 3.09
CA VAL D 15 5.91 -13.84 3.93
C VAL D 15 5.60 -15.15 4.64
N GLY D 16 5.44 -15.08 5.96
CA GLY D 16 5.06 -16.23 6.74
C GLY D 16 6.19 -16.96 7.42
N ASP D 17 7.44 -16.62 7.15
CA ASP D 17 8.55 -17.21 7.90
C ASP D 17 8.62 -16.61 9.29
N ARG D 18 9.40 -17.24 10.16
CA ARG D 18 9.75 -16.70 11.46
C ARG D 18 11.21 -16.26 11.40
N VAL D 19 11.44 -14.95 11.47
CA VAL D 19 12.79 -14.40 11.37
C VAL D 19 13.30 -14.07 12.75
N THR D 20 14.61 -14.17 12.93
CA THR D 20 15.24 -14.01 14.23
C THR D 20 16.50 -13.18 14.08
N ILE D 21 16.46 -11.94 14.55
CA ILE D 21 17.59 -11.03 14.53
C ILE D 21 18.23 -11.02 15.91
N THR D 22 19.56 -10.98 15.95
CA THR D 22 20.29 -11.05 17.20
C THR D 22 21.03 -9.73 17.45
N CYS D 23 21.29 -9.45 18.73
CA CYS D 23 21.98 -8.24 19.14
C CYS D 23 22.69 -8.51 20.46
N LYS D 24 24.00 -8.26 20.50
CA LYS D 24 24.82 -8.54 21.68
C LYS D 24 25.58 -7.29 22.09
N ALA D 25 25.48 -6.94 23.37
CA ALA D 25 26.18 -5.78 23.94
C ALA D 25 27.54 -6.20 24.46
N SER D 26 28.54 -5.32 24.30
CA SER D 26 29.89 -5.55 24.81
C SER D 26 29.94 -5.50 26.34
N GLN D 27 28.86 -5.08 26.99
CA GLN D 27 28.78 -5.02 28.44
C GLN D 27 27.37 -5.39 28.87
N ASN D 28 27.22 -5.68 30.16
CA ASN D 28 25.90 -5.95 30.74
C ASN D 28 25.07 -4.67 30.74
N VAL D 29 23.93 -4.73 30.06
CA VAL D 29 23.01 -3.60 29.95
C VAL D 29 21.67 -3.91 30.59
N GLY D 30 21.56 -5.04 31.27
CA GLY D 30 20.33 -5.37 31.97
C GLY D 30 19.22 -5.64 30.98
N THR D 31 18.11 -4.92 31.13
CA THR D 31 17.00 -5.00 30.19
C THR D 31 16.75 -3.70 29.46
N ASN D 32 17.67 -2.73 29.57
CA ASN D 32 17.49 -1.40 28.98
C ASN D 32 17.91 -1.41 27.51
N VAL D 33 17.19 -2.21 26.72
CA VAL D 33 17.45 -2.38 25.30
C VAL D 33 16.17 -2.06 24.54
N ALA D 34 16.32 -1.41 23.39
CA ALA D 34 15.19 -1.05 22.54
C ALA D 34 15.40 -1.59 21.13
N TRP D 35 14.30 -1.75 20.40
CA TRP D 35 14.31 -2.19 19.01
C TRP D 35 13.50 -1.21 18.16
N PHE D 36 14.03 -0.87 16.99
CA PHE D 36 13.36 0.05 16.08
C PHE D 36 13.25 -0.58 14.70
N GLN D 37 12.26 -0.09 13.95
CA GLN D 37 12.06 -0.45 12.55
C GLN D 37 12.12 0.81 11.70
N GLN D 38 12.85 0.75 10.59
CA GLN D 38 12.98 1.90 9.72
C GLN D 38 12.88 1.47 8.25
N LYS D 39 12.00 2.14 7.52
CA LYS D 39 11.70 2.18 6.10
C LYS D 39 12.46 3.34 5.43
N PRO D 40 12.94 3.15 4.21
CA PRO D 40 13.78 4.18 3.58
C PRO D 40 13.03 5.50 3.38
N GLY D 41 13.71 6.59 3.68
CA GLY D 41 13.13 7.91 3.53
C GLY D 41 12.22 8.35 4.64
N LYS D 42 12.08 7.55 5.70
CA LYS D 42 11.20 7.87 6.82
C LYS D 42 11.98 7.77 8.13
N ALA D 43 11.37 8.31 9.19
CA ALA D 43 11.93 8.26 10.52
C ALA D 43 11.72 6.88 11.13
N PRO D 44 12.52 6.49 12.12
CA PRO D 44 12.37 5.16 12.72
C PRO D 44 11.08 5.02 13.52
N LYS D 45 10.60 3.78 13.55
CA LYS D 45 9.42 3.38 14.28
C LYS D 45 9.89 2.56 15.50
N ALA D 46 9.56 3.00 16.71
CA ALA D 46 9.96 2.24 17.88
C ALA D 46 9.10 0.98 18.01
N LEU D 47 9.75 -0.13 18.32
CA LEU D 47 9.08 -1.43 18.43
C LEU D 47 9.03 -1.93 19.86
N ILE D 48 10.17 -1.99 20.54
CA ILE D 48 10.29 -2.64 21.83
C ILE D 48 11.01 -1.72 22.80
N TYR D 49 10.51 -1.64 24.02
CA TYR D 49 11.25 -1.03 25.12
C TYR D 49 11.40 -2.05 26.24
N SER D 50 12.45 -1.86 27.03
CA SER D 50 12.76 -2.74 28.16
C SER D 50 12.90 -4.19 27.71
N ALA D 51 13.53 -4.37 26.54
CA ALA D 51 13.93 -5.68 26.01
C ALA D 51 12.75 -6.53 25.56
N SER D 52 11.61 -6.48 26.27
CA SER D 52 10.53 -7.39 25.93
C SER D 52 9.15 -6.73 25.95
N TYR D 53 9.07 -5.41 25.94
CA TYR D 53 7.78 -4.73 26.02
C TYR D 53 7.50 -4.00 24.71
N ARG D 54 6.30 -4.18 24.18
CA ARG D 54 5.89 -3.59 22.92
C ARG D 54 5.35 -2.18 23.13
N TYR D 55 5.69 -1.30 22.20
CA TYR D 55 5.11 0.03 22.19
C TYR D 55 3.67 0.00 21.68
N SER D 56 2.99 1.13 21.82
CA SER D 56 1.59 1.26 21.38
C SER D 56 1.45 0.92 19.91
N GLY D 57 0.36 0.22 19.59
CA GLY D 57 0.03 -0.08 18.20
C GLY D 57 1.00 -0.98 17.47
N VAL D 58 1.86 -1.70 18.19
CA VAL D 58 2.83 -2.57 17.55
C VAL D 58 2.24 -3.99 17.44
N PRO D 59 2.32 -4.64 16.29
CA PRO D 59 1.76 -5.99 16.17
C PRO D 59 2.44 -6.98 17.12
N SER D 60 1.68 -7.99 17.53
CA SER D 60 2.14 -8.95 18.52
C SER D 60 3.13 -9.96 17.96
N ARG D 61 3.29 -10.04 16.63
CA ARG D 61 4.29 -10.94 16.07
C ARG D 61 5.70 -10.47 16.37
N PHE D 62 5.90 -9.17 16.59
CA PHE D 62 7.19 -8.65 17.02
C PHE D 62 7.39 -9.00 18.48
N SER D 63 8.33 -9.90 18.76
CA SER D 63 8.60 -10.37 20.11
C SER D 63 10.05 -10.05 20.47
N GLY D 64 10.24 -9.31 21.56
CA GLY D 64 11.56 -8.98 22.06
C GLY D 64 11.89 -9.85 23.27
N SER D 65 13.15 -10.24 23.37
CA SER D 65 13.59 -11.08 24.47
C SER D 65 15.06 -10.79 24.74
N GLY D 66 15.52 -11.22 25.91
CA GLY D 66 16.92 -11.07 26.24
C GLY D 66 17.18 -10.31 27.52
N SER D 67 18.33 -10.57 28.12
CA SER D 67 18.74 -9.91 29.35
C SER D 67 20.24 -10.07 29.50
N GLY D 68 20.88 -9.07 30.10
CA GLY D 68 22.32 -9.09 30.26
C GLY D 68 23.05 -8.50 29.08
N THR D 69 23.50 -9.36 28.16
CA THR D 69 24.19 -8.93 26.96
C THR D 69 23.52 -9.38 25.67
N ASP D 70 22.61 -10.35 25.74
CA ASP D 70 22.15 -11.08 24.56
C ASP D 70 20.67 -10.79 24.35
N PHE D 71 20.33 -10.22 23.19
CA PHE D 71 18.97 -9.78 22.92
C PHE D 71 18.56 -10.23 21.52
N THR D 72 17.25 -10.39 21.35
CA THR D 72 16.71 -11.03 20.15
C THR D 72 15.39 -10.38 19.76
N LEU D 73 15.26 -10.03 18.48
CA LEU D 73 13.98 -9.62 17.91
C LEU D 73 13.46 -10.77 17.07
N THR D 74 12.25 -11.22 17.37
CA THR D 74 11.60 -12.30 16.63
C THR D 74 10.29 -11.80 16.05
N ILE D 75 10.09 -12.02 14.75
CA ILE D 75 8.81 -11.83 14.09
C ILE D 75 8.27 -13.21 13.80
N SER D 76 7.15 -13.57 14.44
CA SER D 76 6.70 -14.96 14.49
C SER D 76 6.21 -15.47 13.13
N SER D 77 5.51 -14.64 12.36
CA SER D 77 5.12 -14.98 10.99
C SER D 77 5.20 -13.72 10.15
N LEU D 78 6.18 -13.67 9.24
CA LEU D 78 6.45 -12.45 8.50
C LEU D 78 5.25 -12.01 7.68
N GLN D 79 5.03 -10.71 7.65
CA GLN D 79 4.00 -10.07 6.83
C GLN D 79 4.66 -9.07 5.90
N PRO D 80 4.03 -8.76 4.75
CA PRO D 80 4.78 -8.04 3.71
C PRO D 80 5.21 -6.64 4.11
N GLU D 81 4.53 -6.00 5.07
CA GLU D 81 4.92 -4.65 5.46
C GLU D 81 6.08 -4.64 6.44
N ASP D 82 6.56 -5.81 6.87
CA ASP D 82 7.66 -5.91 7.82
C ASP D 82 9.03 -5.84 7.16
N PHE D 83 9.10 -5.77 5.82
CA PHE D 83 10.38 -5.68 5.16
C PHE D 83 10.94 -4.28 5.34
N ALA D 84 12.11 -4.20 5.99
CA ALA D 84 12.73 -2.94 6.40
C ALA D 84 14.05 -3.26 7.07
N THR D 85 14.76 -2.24 7.53
CA THR D 85 15.89 -2.47 8.40
C THR D 85 15.43 -2.36 9.85
N TYR D 86 16.16 -3.04 10.74
CA TYR D 86 15.83 -3.10 12.15
C TYR D 86 17.07 -2.80 12.96
N TYR D 87 16.90 -2.04 14.05
CA TYR D 87 17.99 -1.63 14.91
C TYR D 87 17.68 -1.96 16.36
N CYS D 88 18.66 -2.52 17.06
CA CYS D 88 18.63 -2.58 18.51
C CYS D 88 19.39 -1.39 19.09
N GLN D 89 19.24 -1.18 20.40
CA GLN D 89 19.84 -0.01 21.03
C GLN D 89 19.86 -0.20 22.54
N GLN D 90 20.97 0.18 23.16
CA GLN D 90 21.08 0.18 24.62
C GLN D 90 20.87 1.60 25.14
N TYR D 91 20.12 1.71 26.23
CA TYR D 91 19.99 2.98 26.94
C TYR D 91 20.30 2.81 28.42
N ASN D 92 21.12 1.81 28.76
CA ASN D 92 21.48 1.59 30.16
C ASN D 92 22.57 2.55 30.64
N SER D 93 23.44 3.02 29.74
CA SER D 93 24.51 3.91 30.14
C SER D 93 24.86 4.81 28.96
N TYR D 94 25.58 5.90 29.27
CA TYR D 94 25.90 6.88 28.24
C TYR D 94 27.32 6.67 27.72
N PRO D 95 27.54 6.89 26.42
CA PRO D 95 26.57 7.33 25.39
C PRO D 95 25.58 6.23 25.03
N LEU D 96 24.38 6.59 24.58
CA LEU D 96 23.49 5.58 24.02
C LEU D 96 24.02 5.15 22.67
N THR D 97 23.83 3.87 22.36
CA THR D 97 24.45 3.28 21.18
C THR D 97 23.49 2.32 20.50
N PHE D 98 23.57 2.28 19.17
CA PHE D 98 22.72 1.44 18.35
C PHE D 98 23.51 0.29 17.73
N GLY D 99 22.79 -0.71 17.25
CA GLY D 99 23.40 -1.72 16.41
C GLY D 99 23.53 -1.24 14.97
N GLN D 100 24.44 -1.87 14.24
CA GLN D 100 24.71 -1.45 12.87
C GLN D 100 23.52 -1.67 11.94
N GLY D 101 22.51 -2.42 12.37
CA GLY D 101 21.31 -2.60 11.59
C GLY D 101 21.23 -3.96 10.93
N THR D 102 20.00 -4.43 10.73
CA THR D 102 19.74 -5.67 10.02
C THR D 102 18.71 -5.40 8.94
N LYS D 103 19.09 -5.64 7.68
CA LYS D 103 18.20 -5.40 6.56
C LYS D 103 17.42 -6.66 6.22
N LEU D 104 16.09 -6.56 6.20
CA LEU D 104 15.21 -7.70 5.96
C LEU D 104 14.57 -7.53 4.59
N GLU D 105 15.02 -8.34 3.63
CA GLU D 105 14.64 -8.24 2.24
C GLU D 105 13.77 -9.42 1.83
N ILE D 106 13.32 -9.42 0.58
CA ILE D 106 12.37 -10.41 0.08
C ILE D 106 13.12 -11.48 -0.70
N LYS D 107 12.73 -12.74 -0.49
CA LYS D 107 13.13 -13.84 -1.35
C LYS D 107 12.14 -13.95 -2.50
N ARG D 108 12.65 -14.17 -3.70
CA ARG D 108 11.81 -14.32 -4.88
C ARG D 108 12.55 -15.13 -5.93
N THR D 109 11.85 -15.46 -7.00
CA THR D 109 12.44 -16.24 -8.08
C THR D 109 13.60 -15.48 -8.71
N VAL D 110 14.69 -16.20 -8.98
CA VAL D 110 15.85 -15.57 -9.61
C VAL D 110 15.46 -15.03 -10.98
N ALA D 111 15.95 -13.84 -11.31
CA ALA D 111 15.65 -13.19 -12.57
C ALA D 111 16.91 -12.52 -13.11
N ALA D 112 17.14 -12.69 -14.40
CA ALA D 112 18.29 -12.11 -15.10
C ALA D 112 17.96 -10.70 -15.57
N PRO D 113 18.96 -9.81 -15.60
CA PRO D 113 18.67 -8.40 -15.92
C PRO D 113 18.40 -8.18 -17.40
N SER D 114 17.49 -7.23 -17.67
CA SER D 114 17.25 -6.74 -19.01
C SER D 114 18.18 -5.56 -19.23
N VAL D 115 19.23 -5.78 -20.02
CA VAL D 115 20.35 -4.85 -20.12
C VAL D 115 20.16 -3.95 -21.33
N PHE D 116 20.09 -2.66 -21.08
CA PHE D 116 20.19 -1.62 -22.10
C PHE D 116 21.50 -0.88 -21.92
N ILE D 117 21.89 -0.12 -22.94
CA ILE D 117 23.06 0.74 -22.89
C ILE D 117 22.73 2.06 -23.56
N PHE D 118 23.31 3.15 -23.06
CA PHE D 118 22.95 4.46 -23.57
C PHE D 118 24.19 5.27 -23.93
N PRO D 119 24.11 6.07 -24.98
CA PRO D 119 25.27 6.87 -25.41
C PRO D 119 25.25 8.27 -24.81
N PRO D 120 26.40 8.91 -24.66
CA PRO D 120 26.41 10.30 -24.19
C PRO D 120 25.73 11.20 -25.20
N SER D 121 24.92 12.11 -24.69
CA SER D 121 24.08 12.97 -25.52
C SER D 121 24.90 14.08 -26.17
N ASP D 122 24.75 14.24 -27.49
CA ASP D 122 25.41 15.34 -28.22
C ASP D 122 25.23 16.68 -27.52
N GLU D 123 24.22 16.80 -26.65
CA GLU D 123 24.12 17.97 -25.78
C GLU D 123 25.25 17.98 -24.74
N GLN D 124 25.63 16.81 -24.23
CA GLN D 124 26.63 16.73 -23.17
C GLN D 124 28.06 16.68 -23.70
N LEU D 125 28.28 16.27 -24.95
CA LEU D 125 29.64 16.27 -25.48
C LEU D 125 30.17 17.69 -25.69
N LYS D 126 29.29 18.69 -25.75
CA LYS D 126 29.73 20.08 -25.82
C LYS D 126 30.24 20.62 -24.49
N SER D 127 30.21 19.81 -23.42
CA SER D 127 30.69 20.21 -22.11
C SER D 127 32.05 19.62 -21.77
N GLY D 128 32.72 19.03 -22.75
CA GLY D 128 34.01 18.41 -22.50
C GLY D 128 33.99 17.19 -21.63
N THR D 129 32.83 16.59 -21.39
CA THR D 129 32.68 15.40 -20.58
C THR D 129 31.68 14.47 -21.25
N ALA D 130 31.85 13.17 -21.03
CA ALA D 130 30.96 12.17 -21.60
C ALA D 130 30.59 11.15 -20.54
N SER D 131 29.29 10.86 -20.41
CA SER D 131 28.77 9.92 -19.44
C SER D 131 28.07 8.79 -20.18
N VAL D 132 28.67 7.60 -20.18
CA VAL D 132 28.14 6.43 -20.86
C VAL D 132 27.41 5.57 -19.83
N VAL D 133 26.16 5.23 -20.13
CA VAL D 133 25.23 4.67 -19.15
C VAL D 133 24.87 3.25 -19.56
N CYS D 134 24.88 2.33 -18.60
CA CYS D 134 24.49 0.95 -18.82
C CYS D 134 23.50 0.53 -17.74
N LEU D 135 22.39 -0.07 -18.16
CA LEU D 135 21.23 -0.32 -17.31
C LEU D 135 21.01 -1.83 -17.12
N LEU D 136 20.63 -2.21 -15.91
CA LEU D 136 20.18 -3.57 -15.59
C LEU D 136 18.79 -3.43 -14.97
N ASN D 137 17.75 -3.75 -15.76
CA ASN D 137 16.41 -3.25 -15.42
C ASN D 137 15.78 -4.00 -14.25
N ASN D 138 15.71 -5.33 -14.32
CA ASN D 138 14.99 -6.09 -13.29
C ASN D 138 15.73 -7.41 -13.07
N PHE D 139 16.42 -7.53 -11.93
CA PHE D 139 17.22 -8.71 -11.65
C PHE D 139 17.19 -9.04 -10.16
N TYR D 140 17.43 -10.32 -9.86
CA TYR D 140 17.59 -10.86 -8.51
C TYR D 140 18.55 -12.03 -8.61
N PRO D 141 19.51 -12.16 -7.66
CA PRO D 141 19.77 -11.30 -6.50
C PRO D 141 20.66 -10.12 -6.81
N ARG D 142 21.31 -9.51 -5.81
CA ARG D 142 22.20 -8.40 -6.07
C ARG D 142 23.47 -8.93 -6.73
N GLU D 143 23.44 -9.04 -8.05
CA GLU D 143 24.51 -9.69 -8.80
C GLU D 143 25.78 -8.84 -8.82
N TRP D 148 33.69 -2.26 -17.63
CA TRP D 148 33.55 -1.49 -18.86
C TRP D 148 34.70 -1.80 -19.81
N LYS D 149 34.44 -1.74 -21.11
CA LYS D 149 35.44 -2.08 -22.12
C LYS D 149 35.57 -0.93 -23.11
N VAL D 150 36.62 -0.13 -22.92
CA VAL D 150 36.93 0.98 -23.83
C VAL D 150 37.85 0.42 -24.91
N ASP D 151 37.29 0.20 -26.11
CA ASP D 151 38.01 -0.45 -27.20
C ASP D 151 38.60 -1.78 -26.74
N ASN D 152 37.79 -2.54 -26.00
CA ASN D 152 38.16 -3.83 -25.40
C ASN D 152 39.20 -3.70 -24.30
N ALA D 153 39.54 -2.47 -23.89
CA ALA D 153 40.43 -2.25 -22.77
C ALA D 153 39.62 -2.03 -21.50
N LEU D 154 39.90 -2.83 -20.48
CA LEU D 154 39.14 -2.77 -19.23
C LEU D 154 39.45 -1.47 -18.50
N GLN D 155 38.41 -0.67 -18.26
CA GLN D 155 38.56 0.59 -17.56
C GLN D 155 38.55 0.36 -16.05
N SER D 156 38.93 1.40 -15.31
CA SER D 156 39.01 1.31 -13.86
C SER D 156 38.99 2.71 -13.28
N GLY D 157 38.39 2.83 -12.10
CA GLY D 157 38.37 4.07 -11.35
C GLY D 157 37.60 5.19 -12.02
N ASN D 158 36.85 4.86 -13.07
CA ASN D 158 36.13 5.87 -13.84
C ASN D 158 34.65 5.58 -13.99
N SER D 159 34.14 4.49 -13.42
CA SER D 159 32.72 4.17 -13.47
C SER D 159 32.18 4.03 -12.06
N GLN D 160 30.88 4.29 -11.92
CA GLN D 160 30.24 4.36 -10.61
C GLN D 160 28.92 3.59 -10.65
N GLU D 161 28.58 2.97 -9.53
CA GLU D 161 27.42 2.11 -9.44
C GLU D 161 26.35 2.72 -8.54
N SER D 162 25.10 2.40 -8.84
CA SER D 162 23.95 2.82 -8.03
C SER D 162 22.84 1.80 -8.22
N VAL D 163 22.44 1.15 -7.13
CA VAL D 163 21.42 0.12 -7.13
C VAL D 163 20.18 0.67 -6.44
N THR D 164 19.01 0.27 -6.92
CA THR D 164 17.74 0.68 -6.32
C THR D 164 17.26 -0.41 -5.36
N GLU D 165 16.20 -0.08 -4.62
CA GLU D 165 15.63 -1.03 -3.70
C GLU D 165 14.75 -2.03 -4.46
N GLN D 166 14.44 -3.14 -3.80
CA GLN D 166 13.56 -4.15 -4.38
C GLN D 166 12.24 -3.51 -4.82
N ASP D 167 11.89 -3.72 -6.09
CA ASP D 167 10.72 -3.06 -6.65
C ASP D 167 9.47 -3.56 -5.97
N SER D 168 8.56 -2.63 -5.66
CA SER D 168 7.35 -2.99 -4.94
C SER D 168 6.47 -3.95 -5.73
N LYS D 169 6.52 -3.87 -7.06
CA LYS D 169 5.65 -4.72 -7.87
C LYS D 169 6.17 -6.15 -7.96
N ASP D 170 7.50 -6.32 -8.06
CA ASP D 170 8.05 -7.62 -8.42
C ASP D 170 9.33 -8.00 -7.67
N SER D 171 9.81 -7.16 -6.75
CA SER D 171 10.90 -7.52 -5.82
C SER D 171 12.23 -7.76 -6.54
N THR D 172 12.42 -7.17 -7.71
CA THR D 172 13.72 -7.26 -8.37
C THR D 172 14.54 -6.00 -8.11
N TYR D 173 15.85 -6.15 -8.26
CA TYR D 173 16.76 -5.02 -8.21
C TYR D 173 16.87 -4.37 -9.58
N SER D 174 17.48 -3.20 -9.61
CA SER D 174 17.95 -2.59 -10.84
C SER D 174 19.26 -1.88 -10.54
N LEU D 175 20.15 -1.88 -11.53
CA LEU D 175 21.52 -1.42 -11.34
C LEU D 175 21.79 -0.29 -12.32
N SER D 176 22.51 0.72 -11.83
CA SER D 176 22.98 1.82 -12.66
C SER D 176 24.50 1.86 -12.57
N SER D 177 25.15 1.88 -13.73
CA SER D 177 26.61 1.99 -13.83
C SER D 177 26.93 3.03 -14.88
N THR D 178 27.56 4.13 -14.46
CA THR D 178 27.81 5.28 -15.30
C THR D 178 29.30 5.47 -15.52
N LEU D 179 29.69 5.67 -16.79
CA LEU D 179 31.09 5.79 -17.18
C LEU D 179 31.39 7.24 -17.54
N THR D 180 32.33 7.85 -16.83
CA THR D 180 32.67 9.26 -17.00
C THR D 180 34.04 9.39 -17.64
N LEU D 181 34.12 10.21 -18.68
CA LEU D 181 35.32 10.39 -19.48
C LEU D 181 35.54 11.88 -19.74
N SER D 182 36.61 12.20 -20.47
CA SER D 182 37.02 13.58 -20.70
C SER D 182 36.80 14.01 -22.15
N LYS D 183 35.71 13.53 -22.76
CA LYS D 183 35.31 13.90 -24.11
C LYS D 183 36.36 13.59 -25.16
N ALA D 184 37.61 14.04 -24.94
CA ALA D 184 38.67 13.75 -25.88
C ALA D 184 38.89 12.26 -26.03
N ASP D 185 38.82 11.52 -24.92
CA ASP D 185 38.89 10.07 -24.96
C ASP D 185 37.60 9.42 -25.44
N TYR D 186 36.57 10.20 -25.77
CA TYR D 186 35.40 9.66 -26.43
C TYR D 186 35.48 9.80 -27.95
N GLU D 187 36.14 10.85 -28.43
CA GLU D 187 36.42 10.97 -29.85
C GLU D 187 37.65 10.16 -30.27
N LYS D 188 38.49 9.77 -29.32
CA LYS D 188 39.72 9.06 -29.63
C LYS D 188 39.57 7.55 -29.56
N HIS D 189 38.49 7.05 -28.98
CA HIS D 189 38.24 5.62 -28.85
C HIS D 189 36.97 5.26 -29.59
N LYS D 190 36.89 4.00 -30.05
CA LYS D 190 35.90 3.61 -31.04
C LYS D 190 34.72 2.85 -30.44
N VAL D 191 34.96 1.65 -29.94
CA VAL D 191 33.89 0.76 -29.48
C VAL D 191 33.94 0.68 -27.96
N TYR D 192 32.81 0.93 -27.32
CA TYR D 192 32.65 0.76 -25.88
C TYR D 192 31.74 -0.43 -25.62
N ALA D 193 32.06 -1.22 -24.59
CA ALA D 193 31.31 -2.42 -24.28
C ALA D 193 31.00 -2.46 -22.79
N CYS D 194 29.71 -2.63 -22.46
CA CYS D 194 29.30 -2.74 -21.07
C CYS D 194 29.74 -4.08 -20.51
N GLU D 195 30.37 -4.05 -19.34
CA GLU D 195 30.87 -5.27 -18.72
C GLU D 195 29.84 -5.85 -17.75
N GLN D 199 25.54 -15.40 -11.14
CA GLN D 199 25.31 -14.59 -12.33
C GLN D 199 23.85 -14.62 -12.75
N GLY D 200 23.24 -15.80 -12.66
CA GLY D 200 21.86 -15.94 -13.06
C GLY D 200 21.62 -16.00 -14.55
N LEU D 201 22.68 -16.10 -15.34
CA LEU D 201 22.57 -16.18 -16.79
C LEU D 201 23.67 -17.06 -17.38
N SER D 202 24.08 -16.75 -18.60
CA SER D 202 25.09 -17.54 -19.29
C SER D 202 26.47 -16.89 -19.19
N SER D 203 26.64 -15.73 -19.82
CA SER D 203 27.91 -15.02 -19.82
C SER D 203 27.63 -13.53 -20.00
N PRO D 204 28.40 -12.66 -19.33
CA PRO D 204 28.11 -11.22 -19.41
C PRO D 204 28.87 -10.53 -20.54
N VAL D 205 28.94 -9.20 -20.45
CA VAL D 205 29.58 -8.35 -21.44
C VAL D 205 28.93 -8.54 -22.80
N THR D 206 27.72 -8.01 -22.97
CA THR D 206 26.95 -8.25 -24.20
C THR D 206 26.20 -6.99 -24.62
N LYS D 207 26.88 -5.84 -24.65
CA LYS D 207 26.23 -4.62 -25.10
C LYS D 207 27.29 -3.63 -25.57
N SER D 208 27.19 -3.17 -26.81
CA SER D 208 28.17 -2.26 -27.37
C SER D 208 27.48 -1.31 -28.36
N PHE D 209 28.25 -0.32 -28.82
CA PHE D 209 27.72 0.65 -29.77
C PHE D 209 28.86 1.36 -30.49
N ASN D 210 28.57 1.84 -31.70
CA ASN D 210 29.48 2.63 -32.49
C ASN D 210 28.97 4.09 -32.49
N ARG D 211 28.92 4.77 -33.63
CA ARG D 211 28.30 6.08 -33.74
C ARG D 211 27.49 6.14 -35.03
N GLY D 212 26.29 6.71 -34.94
CA GLY D 212 25.44 6.87 -36.10
C GLY D 212 24.98 5.58 -36.73
#